data_4QWC
#
_entry.id   4QWC
#
_cell.length_a   98.440
_cell.length_b   101.930
_cell.length_c   105.400
_cell.angle_alpha   90.00
_cell.angle_beta   90.00
_cell.angle_gamma   90.00
#
_symmetry.space_group_name_H-M   'P 21 21 21'
#
loop_
_entity.id
_entity.type
_entity.pdbx_description
1 polymer 'DNA polymerase IV'
2 polymer "DNA (5'-D(*GP*GP*CP*TP*AP*CP*AP*GP*GP*AP*CP*TP*C)-3')"
3 polymer "DNA (5'-D(*TP*TP*CP*AP*GP*GP*AP*GP*TP*CP*CP*TP*GP*TP*AP*GP*CP*C)-3')"
4 non-polymer 'CALCIUM ION'
5 non-polymer 'ACETATE ION'
6 non-polymer 4-amino-1-{2-deoxy-5-O-[(R)-hydroxy(phosphonooxy)phosphoryl]-beta-L-erythro-pentofuranosyl}pyrimidin-2(1H)-one
7 water water
#
loop_
_entity_poly.entity_id
_entity_poly.type
_entity_poly.pdbx_seq_one_letter_code
_entity_poly.pdbx_strand_id
1 'polypeptide(L)'
;MIVLFVDFDYFYAQVEEVLNPSLKGKPVVVCVFSGRFEDSGAVATANYEARKFGVKAGIPIVEAKKILPNAVYLPMRKEV
YQQVSSRIMNLLREYSEKIEIASIDEAYLDISDKVRDYREAYNLGLEIKNKILEKEKITVTVGISKNKVFAKIAADMAKP
NGIKVIDDEEVKRLIRELDIADVPGIGNITAEKLKKLGINKLVDTLSIEFDKLKGMIGEAKAKYLISLARDEYNEPIRTR
VRKSIGRIVTMKRNSRNLEEIKPYLFRAIEESYYKLDKRIPKAIHVVAVTEDLDIVSRGRTFPHGISKETAYSESVKLLQ
KILEEDERKIRRIGVRFSKFIEA
;
A,D
2 'polydeoxyribonucleotide' (DG)(DG)(DC)(DT)(DA)(DC)(DA)(DG)(DG)(DA)(DC)(DT)(DOC) B,E
3 'polydeoxyribonucleotide' (DT)(DT)(DC)(DA)(DG)(DG)(DA)(DG)(DT)(DC)(DC)(DT)(DG)(DT)(DA)(DG)(DC)(DC) C,F
#
loop_
_chem_comp.id
_chem_comp.type
_chem_comp.name
_chem_comp.formula
ACT non-polymer 'ACETATE ION' 'C2 H3 O2 -1'
CA non-polymer 'CALCIUM ION' 'Ca 2'
DA DNA linking 2'-DEOXYADENOSINE-5'-MONOPHOSPHATE 'C10 H14 N5 O6 P'
DC DNA linking 2'-DEOXYCYTIDINE-5'-MONOPHOSPHATE 'C9 H14 N3 O7 P'
DG DNA linking 2'-DEOXYGUANOSINE-5'-MONOPHOSPHATE 'C10 H14 N5 O7 P'
DOC DNA linking 2',3'-DIDEOXYCYTIDINE-5'-MONOPHOSPHATE 'C9 H14 N3 O6 P'
DT DNA linking THYMIDINE-5'-MONOPHOSPHATE 'C10 H15 N2 O8 P'
LTP DNA linking 4-amino-1-{2-deoxy-5-O-[(R)-hydroxy(phosphonooxy)phosphoryl]-beta-L-erythro-pentofuranosyl}pyrimidin-2(1H)-one 'C9 H15 N3 O10 P2'
#
# COMPACT_ATOMS: atom_id res chain seq x y z
N MET A 1 30.37 -20.81 2.89
CA MET A 1 29.49 -20.61 1.72
C MET A 1 30.28 -20.78 0.42
N ILE A 2 29.70 -21.49 -0.53
CA ILE A 2 30.19 -21.47 -1.90
C ILE A 2 29.12 -20.85 -2.79
N VAL A 3 29.55 -19.91 -3.63
CA VAL A 3 28.66 -19.15 -4.52
C VAL A 3 29.08 -19.28 -5.97
N LEU A 4 28.12 -19.63 -6.81
CA LEU A 4 28.29 -19.64 -8.25
C LEU A 4 27.47 -18.49 -8.87
N PHE A 5 28.13 -17.65 -9.66
CA PHE A 5 27.51 -16.47 -10.29
C PHE A 5 27.48 -16.71 -11.78
N VAL A 6 26.34 -16.47 -12.43
CA VAL A 6 26.31 -16.57 -13.89
C VAL A 6 25.91 -15.26 -14.55
N ASP A 7 26.69 -14.86 -15.55
CA ASP A 7 26.51 -13.62 -16.26
C ASP A 7 26.37 -13.89 -17.76
N PHE A 8 25.21 -13.61 -18.34
CA PHE A 8 25.02 -13.93 -19.75
C PHE A 8 25.89 -12.96 -20.55
N ASP A 9 26.59 -13.47 -21.57
CA ASP A 9 27.54 -12.67 -22.35
C ASP A 9 26.81 -11.79 -23.36
N TYR A 10 27.26 -10.54 -23.47
CA TYR A 10 26.73 -9.53 -24.42
C TYR A 10 25.23 -9.75 -24.80
N PHE A 11 24.42 -9.81 -23.74
CA PHE A 11 23.14 -10.49 -23.78
C PHE A 11 22.14 -9.99 -24.83
N TYR A 12 21.82 -8.70 -24.84
CA TYR A 12 20.89 -8.20 -25.84
C TYR A 12 21.36 -8.50 -27.28
N ALA A 13 22.65 -8.31 -27.51
CA ALA A 13 23.17 -8.55 -28.86
C ALA A 13 23.06 -10.03 -29.19
N GLN A 14 23.41 -10.87 -28.21
CA GLN A 14 23.38 -12.31 -28.41
C GLN A 14 21.96 -12.82 -28.68
N VAL A 15 20.96 -12.23 -28.04
CA VAL A 15 19.59 -12.64 -28.35
C VAL A 15 19.21 -12.26 -29.77
N GLU A 16 19.64 -11.08 -30.21
CA GLU A 16 19.40 -10.64 -31.57
C GLU A 16 20.06 -11.63 -32.53
N GLU A 17 21.31 -11.98 -32.22
CA GLU A 17 22.01 -13.09 -32.88
C GLU A 17 21.13 -14.35 -32.99
N VAL A 18 20.61 -14.83 -31.87
CA VAL A 18 19.81 -16.06 -31.88
C VAL A 18 18.54 -15.95 -32.73
N LEU A 19 17.90 -14.79 -32.73
CA LEU A 19 16.70 -14.59 -33.55
C LEU A 19 17.03 -14.39 -35.04
N ASN A 20 18.31 -14.14 -35.34
CA ASN A 20 18.81 -13.91 -36.69
C ASN A 20 20.31 -14.26 -36.78
N PRO A 21 20.63 -15.57 -36.86
CA PRO A 21 22.02 -16.05 -36.83
C PRO A 21 22.94 -15.54 -37.95
N SER A 22 22.36 -15.08 -39.05
CA SER A 22 23.12 -14.41 -40.11
C SER A 22 23.98 -13.26 -39.61
N LEU A 23 23.61 -12.71 -38.45
CA LEU A 23 24.39 -11.69 -37.74
C LEU A 23 25.72 -12.19 -37.19
N LYS A 24 25.82 -13.50 -36.92
CA LYS A 24 26.99 -14.07 -36.25
C LYS A 24 28.30 -13.77 -36.99
N GLY A 25 29.31 -13.29 -36.26
CA GLY A 25 30.59 -12.91 -36.86
C GLY A 25 30.70 -11.43 -37.25
N LYS A 26 29.58 -10.77 -37.52
CA LYS A 26 29.57 -9.33 -37.82
C LYS A 26 29.45 -8.52 -36.53
N PRO A 27 29.89 -7.26 -36.55
CA PRO A 27 29.70 -6.41 -35.38
C PRO A 27 28.22 -6.06 -35.21
N VAL A 28 27.72 -6.10 -33.98
CA VAL A 28 26.29 -5.88 -33.73
C VAL A 28 26.11 -4.94 -32.54
N VAL A 29 25.32 -3.90 -32.79
CA VAL A 29 25.11 -2.83 -31.84
C VAL A 29 23.62 -2.68 -31.57
N VAL A 30 23.20 -2.98 -30.35
CA VAL A 30 21.83 -2.75 -29.93
C VAL A 30 21.78 -1.34 -29.36
N CYS A 31 20.80 -0.58 -29.83
CA CYS A 31 20.74 0.85 -29.55
C CYS A 31 19.43 1.29 -28.91
N VAL A 32 19.50 2.39 -28.16
CA VAL A 32 18.32 3.10 -27.73
C VAL A 32 18.22 4.42 -28.48
N PHE A 33 17.29 4.47 -29.42
CA PHE A 33 17.03 5.68 -30.20
C PHE A 33 16.10 6.61 -29.43
N SER A 34 16.61 7.76 -29.00
CA SER A 34 15.80 8.74 -28.24
C SER A 34 14.68 9.41 -29.06
N GLY A 35 14.75 9.32 -30.39
CA GLY A 35 13.71 9.83 -31.26
C GLY A 35 13.70 11.34 -31.46
N ARG A 36 14.80 12.02 -31.11
CA ARG A 36 14.97 13.44 -31.42
C ARG A 36 15.11 13.58 -32.94
N PHE A 37 16.18 12.98 -33.45
CA PHE A 37 16.49 12.99 -34.88
C PHE A 37 17.10 11.64 -35.27
N GLU A 38 17.44 11.48 -36.55
CA GLU A 38 18.08 10.25 -37.03
C GLU A 38 19.31 9.96 -36.19
N ASP A 39 19.28 8.83 -35.50
CA ASP A 39 20.44 8.29 -34.78
C ASP A 39 20.84 9.07 -33.52
N SER A 40 19.90 9.83 -32.97
CA SER A 40 20.05 10.36 -31.62
C SER A 40 19.81 9.19 -30.67
N GLY A 41 20.65 9.06 -29.66
CA GLY A 41 20.49 8.01 -28.66
C GLY A 41 21.82 7.37 -28.28
N ALA A 42 21.74 6.26 -27.55
CA ALA A 42 22.94 5.57 -27.09
C ALA A 42 22.94 4.08 -27.36
N VAL A 43 24.14 3.50 -27.27
CA VAL A 43 24.35 2.06 -27.39
C VAL A 43 24.09 1.44 -26.05
N ALA A 44 23.18 0.46 -26.03
CA ALA A 44 22.84 -0.24 -24.79
C ALA A 44 23.84 -1.37 -24.64
N THR A 45 24.12 -2.05 -25.74
CA THR A 45 25.19 -3.04 -25.75
C THR A 45 25.66 -3.39 -27.15
N ALA A 46 26.86 -3.91 -27.22
CA ALA A 46 27.42 -4.39 -28.47
C ALA A 46 28.01 -5.80 -28.30
N ASN A 47 28.06 -6.59 -29.36
CA ASN A 47 28.77 -7.88 -29.27
C ASN A 47 30.28 -7.67 -29.32
N TYR A 48 31.05 -8.71 -29.05
CA TYR A 48 32.52 -8.54 -28.90
C TYR A 48 33.23 -8.13 -30.19
N GLU A 49 32.67 -8.51 -31.34
CA GLU A 49 33.16 -8.00 -32.61
C GLU A 49 33.13 -6.48 -32.67
N ALA A 50 32.03 -5.87 -32.22
CA ALA A 50 31.94 -4.41 -32.19
C ALA A 50 32.80 -3.79 -31.10
N ARG A 51 32.90 -4.47 -29.96
CA ARG A 51 33.67 -3.94 -28.84
C ARG A 51 35.16 -3.85 -29.14
N LYS A 52 35.66 -4.68 -30.04
CA LYS A 52 37.07 -4.61 -30.43
C LYS A 52 37.40 -3.21 -30.94
N PHE A 53 36.50 -2.67 -31.74
CA PHE A 53 36.73 -1.37 -32.36
C PHE A 53 36.26 -0.19 -31.53
N GLY A 54 35.87 -0.45 -30.29
CA GLY A 54 35.63 0.62 -29.32
C GLY A 54 34.17 1.01 -29.11
N VAL A 55 33.26 0.53 -29.97
CA VAL A 55 31.81 0.73 -29.77
C VAL A 55 31.35 -0.13 -28.60
N LYS A 56 30.97 0.54 -27.52
CA LYS A 56 30.51 -0.13 -26.31
C LYS A 56 29.39 0.67 -25.61
N ALA A 57 28.80 0.04 -24.61
CA ALA A 57 27.62 0.57 -23.90
C ALA A 57 27.83 1.99 -23.38
N GLY A 58 26.89 2.87 -23.71
CA GLY A 58 26.91 4.26 -23.23
C GLY A 58 27.32 5.29 -24.27
N ILE A 59 28.10 4.89 -25.27
CA ILE A 59 28.56 5.87 -26.25
C ILE A 59 27.41 6.19 -27.20
N PRO A 60 27.42 7.38 -27.81
CA PRO A 60 26.29 7.71 -28.64
C PRO A 60 26.32 6.96 -29.95
N ILE A 61 25.15 6.73 -30.51
CA ILE A 61 25.00 5.96 -31.72
C ILE A 61 25.81 6.61 -32.83
N VAL A 62 25.75 7.94 -32.89
CA VAL A 62 26.53 8.77 -33.82
C VAL A 62 28.04 8.45 -33.74
N GLU A 63 28.60 8.48 -32.53
CA GLU A 63 30.00 8.11 -32.30
C GLU A 63 30.27 6.68 -32.81
N ALA A 64 29.36 5.75 -32.55
CA ALA A 64 29.52 4.37 -32.97
C ALA A 64 29.47 4.24 -34.48
N LYS A 65 28.64 5.06 -35.10
CA LYS A 65 28.43 5.00 -36.55
C LYS A 65 29.69 5.39 -37.31
N LYS A 66 30.42 6.37 -36.77
CA LYS A 66 31.73 6.77 -37.29
C LYS A 66 32.67 5.58 -37.39
N ILE A 67 32.77 4.85 -36.30
CA ILE A 67 33.74 3.77 -36.17
C ILE A 67 33.35 2.57 -37.03
N LEU A 68 32.09 2.16 -36.93
CA LEU A 68 31.61 1.00 -37.68
C LEU A 68 30.33 1.34 -38.44
N PRO A 69 30.45 1.96 -39.63
CA PRO A 69 29.24 2.24 -40.40
C PRO A 69 28.58 1.01 -41.01
N ASN A 70 29.35 -0.05 -41.28
CA ASN A 70 28.77 -1.29 -41.84
C ASN A 70 28.29 -2.30 -40.78
N ALA A 71 28.47 -1.97 -39.50
CA ALA A 71 27.91 -2.75 -38.39
C ALA A 71 26.38 -2.71 -38.42
N VAL A 72 25.76 -3.77 -37.93
CA VAL A 72 24.31 -3.84 -37.89
C VAL A 72 23.84 -3.14 -36.62
N TYR A 73 22.96 -2.14 -36.80
CA TYR A 73 22.40 -1.39 -35.68
C TYR A 73 20.95 -1.76 -35.54
N LEU A 74 20.59 -2.14 -34.31
CA LEU A 74 19.27 -2.67 -34.04
C LEU A 74 18.65 -1.93 -32.87
N PRO A 75 17.36 -1.66 -32.97
CA PRO A 75 16.72 -1.04 -31.84
C PRO A 75 16.57 -2.07 -30.72
N MET A 76 16.79 -1.63 -29.49
CA MET A 76 16.42 -2.41 -28.33
C MET A 76 15.03 -2.98 -28.36
N ARG A 77 14.94 -4.29 -28.11
CA ARG A 77 13.69 -4.98 -27.89
C ARG A 77 13.70 -5.69 -26.53
N LYS A 78 13.54 -4.91 -25.47
CA LYS A 78 13.62 -5.39 -24.08
C LYS A 78 12.62 -6.52 -23.76
N GLU A 79 11.39 -6.45 -24.26
CA GLU A 79 10.37 -7.48 -23.99
C GLU A 79 10.88 -8.85 -24.43
N VAL A 80 11.47 -8.90 -25.62
CA VAL A 80 12.05 -10.14 -26.13
C VAL A 80 13.15 -10.64 -25.19
N TYR A 81 14.07 -9.75 -24.86
CA TYR A 81 15.25 -10.14 -24.06
C TYR A 81 14.77 -10.65 -22.70
N GLN A 82 13.70 -10.05 -22.18
CA GLN A 82 13.19 -10.43 -20.85
C GLN A 82 12.62 -11.84 -20.81
N GLN A 83 11.92 -12.21 -21.87
CA GLN A 83 11.40 -13.56 -22.03
C GLN A 83 12.51 -14.58 -22.24
N VAL A 84 13.54 -14.23 -23.01
CA VAL A 84 14.66 -15.16 -23.08
C VAL A 84 15.27 -15.30 -21.69
N SER A 85 15.41 -14.19 -20.97
CA SER A 85 16.02 -14.20 -19.64
C SER A 85 15.23 -15.03 -18.60
N SER A 86 13.91 -14.84 -18.54
CA SER A 86 13.04 -15.61 -17.63
C SER A 86 13.17 -17.12 -17.86
N ARG A 87 13.26 -17.52 -19.12
CA ARG A 87 13.50 -18.90 -19.45
C ARG A 87 14.86 -19.36 -18.92
N ILE A 88 15.90 -18.55 -19.10
CA ILE A 88 17.24 -18.97 -18.64
C ILE A 88 17.30 -19.04 -17.11
N MET A 89 16.58 -18.13 -16.44
CA MET A 89 16.59 -18.10 -14.99
C MET A 89 15.99 -19.37 -14.39
N ASN A 90 14.93 -19.89 -15.01
CA ASN A 90 14.30 -21.16 -14.57
C ASN A 90 15.16 -22.38 -14.76
N LEU A 91 15.96 -22.41 -15.82
CA LEU A 91 16.99 -23.43 -15.97
C LEU A 91 17.92 -23.40 -14.76
N LEU A 92 18.32 -22.21 -14.32
CA LEU A 92 19.22 -22.08 -13.17
C LEU A 92 18.59 -22.56 -11.86
N ARG A 93 17.27 -22.35 -11.72
CA ARG A 93 16.50 -22.85 -10.59
C ARG A 93 16.60 -24.38 -10.41
N GLU A 94 16.83 -25.11 -11.49
CA GLU A 94 17.05 -26.56 -11.43
C GLU A 94 18.34 -26.96 -10.72
N TYR A 95 19.26 -26.02 -10.54
CA TYR A 95 20.55 -26.29 -9.90
C TYR A 95 20.68 -25.72 -8.49
N SER A 96 19.69 -24.94 -8.04
CA SER A 96 19.62 -24.48 -6.65
C SER A 96 18.35 -23.70 -6.37
N GLU A 97 17.86 -23.80 -5.14
CA GLU A 97 16.64 -23.08 -4.70
C GLU A 97 16.97 -21.71 -4.12
N LYS A 98 18.19 -21.57 -3.59
CA LYS A 98 18.68 -20.29 -3.11
C LYS A 98 19.32 -19.55 -4.28
N ILE A 99 18.51 -18.75 -4.96
CA ILE A 99 18.93 -18.05 -6.15
C ILE A 99 18.65 -16.56 -5.99
N GLU A 100 19.64 -15.73 -6.32
CA GLU A 100 19.45 -14.29 -6.34
C GLU A 100 19.56 -13.74 -7.75
N ILE A 101 18.44 -13.32 -8.32
CA ILE A 101 18.39 -12.74 -9.66
C ILE A 101 18.65 -11.27 -9.54
N ALA A 102 19.82 -10.86 -10.00
CA ALA A 102 20.34 -9.53 -9.75
C ALA A 102 20.00 -8.55 -10.84
N SER A 103 19.82 -9.03 -12.06
CA SER A 103 19.44 -8.19 -13.18
C SER A 103 18.91 -9.10 -14.22
N ILE A 104 18.60 -8.51 -15.38
CA ILE A 104 18.07 -9.28 -16.51
C ILE A 104 19.06 -10.33 -17.01
N ASP A 105 20.34 -10.22 -16.68
CA ASP A 105 21.29 -11.20 -17.17
C ASP A 105 22.34 -11.65 -16.15
N GLU A 106 21.97 -11.63 -14.87
CA GLU A 106 22.89 -12.00 -13.80
C GLU A 106 22.13 -12.68 -12.68
N ALA A 107 22.74 -13.72 -12.14
CA ALA A 107 22.13 -14.49 -11.05
C ALA A 107 23.21 -15.15 -10.24
N TYR A 108 23.01 -15.12 -8.92
CA TYR A 108 23.85 -15.85 -7.96
C TYR A 108 23.15 -17.13 -7.49
N LEU A 109 23.92 -18.22 -7.42
CA LEU A 109 23.47 -19.48 -6.82
C LEU A 109 24.31 -19.76 -5.60
N ASP A 110 23.66 -19.92 -4.45
CA ASP A 110 24.27 -20.57 -3.30
C ASP A 110 24.34 -22.06 -3.64
N ILE A 111 25.54 -22.60 -3.84
CA ILE A 111 25.69 -24.04 -4.09
C ILE A 111 26.43 -24.76 -2.95
N SER A 112 26.39 -24.17 -1.76
CA SER A 112 26.55 -24.91 -0.53
C SER A 112 25.20 -25.63 -0.36
N ASP A 113 25.27 -26.92 0.00
CA ASP A 113 24.13 -27.90 -0.05
C ASP A 113 24.06 -28.65 -1.38
N LYS A 114 24.93 -28.30 -2.32
CA LYS A 114 24.91 -28.91 -3.65
C LYS A 114 26.30 -29.36 -4.09
N VAL A 115 27.32 -28.89 -3.37
CA VAL A 115 28.71 -29.04 -3.76
C VAL A 115 29.57 -29.00 -2.48
N ARG A 116 30.66 -29.77 -2.48
CA ARG A 116 31.53 -29.92 -1.31
C ARG A 116 32.77 -29.01 -1.38
N ASP A 117 33.41 -28.97 -2.55
CA ASP A 117 34.63 -28.18 -2.77
C ASP A 117 34.62 -27.46 -4.13
N TYR A 118 35.64 -26.65 -4.38
CA TYR A 118 35.66 -25.78 -5.55
C TYR A 118 35.75 -26.49 -6.90
N ARG A 119 36.49 -27.59 -6.98
CA ARG A 119 36.62 -28.31 -8.26
C ARG A 119 35.34 -29.05 -8.63
N GLU A 120 34.49 -29.32 -7.64
CA GLU A 120 33.18 -29.92 -7.86
C GLU A 120 32.21 -28.83 -8.36
N ALA A 121 32.37 -27.64 -7.81
CA ALA A 121 31.64 -26.47 -8.25
C ALA A 121 31.94 -26.17 -9.72
N TYR A 122 33.21 -26.23 -10.09
CA TYR A 122 33.68 -25.94 -11.47
C TYR A 122 33.05 -26.88 -12.51
N ASN A 123 32.78 -28.11 -12.10
CA ASN A 123 32.07 -29.08 -12.94
C ASN A 123 30.58 -28.76 -12.98
N LEU A 124 30.05 -28.27 -11.86
CA LEU A 124 28.67 -27.77 -11.81
C LEU A 124 28.49 -26.57 -12.77
N GLY A 125 29.51 -25.74 -12.87
CA GLY A 125 29.49 -24.57 -13.75
C GLY A 125 29.58 -24.95 -15.22
N LEU A 126 30.22 -26.08 -15.50
CA LEU A 126 30.28 -26.61 -16.86
C LEU A 126 28.95 -27.21 -17.26
N GLU A 127 28.25 -27.81 -16.31
CA GLU A 127 26.92 -28.36 -16.56
C GLU A 127 25.96 -27.24 -16.95
N ILE A 128 25.95 -26.19 -16.12
CA ILE A 128 25.05 -25.03 -16.28
C ILE A 128 25.26 -24.32 -17.63
N LYS A 129 26.52 -24.15 -18.03
CA LYS A 129 26.81 -23.54 -19.32
C LYS A 129 26.20 -24.34 -20.44
N ASN A 130 26.56 -25.63 -20.49
CA ASN A 130 26.16 -26.50 -21.60
C ASN A 130 24.64 -26.66 -21.69
N LYS A 131 23.97 -26.65 -20.54
CA LYS A 131 22.51 -26.67 -20.51
C LYS A 131 21.95 -25.43 -21.20
N ILE A 132 22.47 -24.28 -20.81
CA ILE A 132 22.04 -23.00 -21.36
C ILE A 132 22.42 -22.91 -22.85
N LEU A 133 23.62 -23.35 -23.19
CA LEU A 133 24.07 -23.39 -24.59
C LEU A 133 23.17 -24.32 -25.42
N GLU A 134 22.81 -25.49 -24.87
CA GLU A 134 21.92 -26.43 -25.56
C GLU A 134 20.51 -25.84 -25.68
N LYS A 135 19.94 -25.48 -24.54
CA LYS A 135 18.54 -25.06 -24.46
C LYS A 135 18.25 -23.75 -25.19
N GLU A 136 19.09 -22.74 -25.02
CA GLU A 136 18.85 -21.40 -25.59
C GLU A 136 19.94 -20.89 -26.54
N LYS A 137 20.99 -21.68 -26.74
CA LYS A 137 22.11 -21.28 -27.59
C LYS A 137 22.70 -19.94 -27.17
N ILE A 138 22.76 -19.74 -25.84
CA ILE A 138 23.31 -18.52 -25.25
C ILE A 138 24.55 -18.89 -24.47
N THR A 139 25.65 -18.21 -24.78
CA THR A 139 26.85 -18.36 -23.98
C THR A 139 26.76 -17.47 -22.73
N VAL A 140 27.35 -17.97 -21.64
CA VAL A 140 27.37 -17.27 -20.37
C VAL A 140 28.76 -17.36 -19.77
N THR A 141 29.00 -16.62 -18.70
CA THR A 141 30.26 -16.72 -17.97
C THR A 141 29.97 -17.02 -16.51
N VAL A 142 30.72 -17.98 -15.96
CA VAL A 142 30.50 -18.43 -14.59
C VAL A 142 31.65 -17.98 -13.68
N GLY A 143 31.30 -17.47 -12.51
CA GLY A 143 32.28 -17.11 -11.49
C GLY A 143 31.93 -17.83 -10.21
N ILE A 144 32.94 -18.41 -9.55
CA ILE A 144 32.73 -19.23 -8.36
C ILE A 144 33.69 -18.78 -7.27
N SER A 145 33.18 -18.50 -6.08
CA SER A 145 34.06 -18.23 -4.93
C SER A 145 33.32 -18.36 -3.62
N LYS A 146 33.93 -17.81 -2.56
CA LYS A 146 33.37 -17.86 -1.22
C LYS A 146 32.20 -16.92 -0.95
N ASN A 147 32.05 -15.89 -1.77
CA ASN A 147 30.95 -14.93 -1.57
C ASN A 147 30.51 -14.27 -2.88
N LYS A 148 29.49 -13.42 -2.81
CA LYS A 148 28.88 -12.86 -3.99
C LYS A 148 29.84 -11.91 -4.72
N VAL A 149 30.62 -11.16 -3.98
CA VAL A 149 31.51 -10.18 -4.54
C VAL A 149 32.60 -10.84 -5.35
N PHE A 150 33.24 -11.87 -4.77
CA PHE A 150 34.34 -12.52 -5.43
C PHE A 150 33.94 -13.49 -6.52
N ALA A 151 32.73 -14.01 -6.45
CA ALA A 151 32.16 -14.72 -7.59
C ALA A 151 31.88 -13.76 -8.79
N LYS A 152 31.33 -12.57 -8.52
CA LYS A 152 31.17 -11.59 -9.58
C LYS A 152 32.54 -11.18 -10.12
N ILE A 153 33.52 -10.99 -9.25
CA ILE A 153 34.85 -10.59 -9.72
C ILE A 153 35.44 -11.68 -10.62
N ALA A 154 35.20 -12.92 -10.26
CA ALA A 154 35.66 -14.07 -11.04
C ALA A 154 35.12 -14.01 -12.45
N ALA A 155 33.82 -13.72 -12.58
CA ALA A 155 33.18 -13.75 -13.89
C ALA A 155 33.61 -12.55 -14.72
N ASP A 156 33.88 -11.44 -14.05
CA ASP A 156 34.50 -10.29 -14.69
C ASP A 156 35.84 -10.63 -15.32
N MET A 157 36.64 -11.43 -14.62
CA MET A 157 37.98 -11.79 -15.11
C MET A 157 37.94 -12.79 -16.28
N ALA A 158 36.87 -13.56 -16.37
CA ALA A 158 36.76 -14.67 -17.33
C ALA A 158 35.89 -14.39 -18.55
N LYS A 159 35.03 -13.38 -18.52
CA LYS A 159 34.14 -13.16 -19.66
C LYS A 159 34.92 -12.71 -20.91
N PRO A 160 34.43 -13.07 -22.11
CA PRO A 160 33.22 -13.84 -22.39
C PRO A 160 33.48 -15.34 -22.45
N ASN A 161 32.40 -16.10 -22.35
CA ASN A 161 32.41 -17.54 -22.45
C ASN A 161 33.52 -18.15 -21.60
N GLY A 162 33.50 -17.81 -20.32
CA GLY A 162 34.53 -18.27 -19.39
C GLY A 162 33.98 -18.94 -18.16
N ILE A 163 34.90 -19.57 -17.41
CA ILE A 163 34.61 -20.21 -16.11
C ILE A 163 35.80 -19.92 -15.24
N LYS A 164 35.57 -19.60 -13.99
CA LYS A 164 36.69 -19.32 -13.12
C LYS A 164 36.26 -19.41 -11.68
N VAL A 165 37.16 -19.97 -10.87
CA VAL A 165 36.98 -20.04 -9.44
C VAL A 165 38.10 -19.21 -8.83
N ILE A 166 37.76 -18.48 -7.78
CA ILE A 166 38.72 -17.77 -6.96
C ILE A 166 38.66 -18.47 -5.60
N ASP A 167 39.69 -19.26 -5.31
CA ASP A 167 39.77 -20.03 -4.05
C ASP A 167 40.14 -19.09 -2.89
N ASP A 168 40.17 -19.66 -1.69
CA ASP A 168 40.38 -18.88 -0.47
C ASP A 168 41.78 -18.26 -0.33
N GLU A 169 42.75 -18.80 -1.05
CA GLU A 169 44.09 -18.18 -1.13
C GLU A 169 44.11 -17.06 -2.18
N GLU A 170 43.60 -17.37 -3.37
CA GLU A 170 43.33 -16.36 -4.42
C GLU A 170 42.61 -15.12 -3.86
N VAL A 171 41.58 -15.33 -3.03
CA VAL A 171 40.87 -14.22 -2.38
C VAL A 171 41.85 -13.31 -1.63
N LYS A 172 42.70 -13.94 -0.80
CA LYS A 172 43.75 -13.23 -0.02
C LYS A 172 44.79 -12.52 -0.90
N ARG A 173 45.08 -13.10 -2.06
CA ARG A 173 45.98 -12.47 -3.01
C ARG A 173 45.30 -11.26 -3.65
N LEU A 174 44.01 -11.40 -3.90
CA LEU A 174 43.20 -10.30 -4.45
C LEU A 174 42.98 -9.18 -3.44
N ILE A 175 42.81 -9.53 -2.18
CA ILE A 175 42.63 -8.52 -1.13
C ILE A 175 43.71 -7.45 -1.26
N ARG A 176 44.95 -7.88 -1.52
CA ARG A 176 46.07 -6.94 -1.59
C ARG A 176 46.62 -6.61 -2.97
N GLU A 177 46.19 -7.32 -4.02
CA GLU A 177 46.68 -7.05 -5.39
C GLU A 177 45.62 -6.68 -6.45
N LEU A 178 44.34 -6.61 -6.07
CA LEU A 178 43.28 -6.18 -6.97
C LEU A 178 43.08 -4.67 -6.92
N ASP A 179 43.16 -4.00 -8.08
CA ASP A 179 42.82 -2.59 -8.15
C ASP A 179 41.43 -2.44 -7.53
N ILE A 180 41.36 -1.65 -6.47
CA ILE A 180 40.15 -1.56 -5.67
C ILE A 180 38.97 -1.06 -6.50
N ALA A 181 39.27 -0.41 -7.64
CA ALA A 181 38.26 0.06 -8.59
C ALA A 181 37.58 -1.08 -9.32
N ASP A 182 38.18 -2.26 -9.35
CA ASP A 182 37.51 -3.45 -9.93
C ASP A 182 36.55 -4.14 -8.96
N VAL A 183 36.38 -3.59 -7.76
CA VAL A 183 35.43 -4.12 -6.77
C VAL A 183 34.01 -3.60 -7.02
N PRO A 184 33.04 -4.50 -7.27
CA PRO A 184 31.63 -4.13 -7.47
C PRO A 184 31.20 -3.08 -6.49
N GLY A 185 30.52 -2.04 -7.00
CA GLY A 185 30.03 -0.93 -6.19
C GLY A 185 31.01 0.23 -6.07
N ILE A 186 32.19 0.09 -6.65
CA ILE A 186 33.20 1.15 -6.58
C ILE A 186 33.29 1.72 -7.98
N GLY A 187 32.65 2.87 -8.19
CA GLY A 187 32.65 3.55 -9.49
C GLY A 187 33.75 4.61 -9.54
N ASN A 188 33.67 5.49 -10.52
CA ASN A 188 34.75 6.44 -10.76
C ASN A 188 34.84 7.48 -9.67
N ILE A 189 33.68 7.97 -9.22
CA ILE A 189 33.66 8.98 -8.16
C ILE A 189 34.27 8.44 -6.86
N THR A 190 33.90 7.22 -6.49
CA THR A 190 34.44 6.57 -5.30
C THR A 190 35.89 6.15 -5.49
N ALA A 191 36.22 5.60 -6.66
CA ALA A 191 37.64 5.31 -6.97
C ALA A 191 38.53 6.51 -6.66
N GLU A 192 38.21 7.67 -7.24
CA GLU A 192 39.00 8.88 -6.99
C GLU A 192 39.10 9.16 -5.50
N LYS A 193 37.96 9.27 -4.83
CA LYS A 193 37.97 9.56 -3.39
C LYS A 193 38.82 8.56 -2.57
N LEU A 194 39.04 7.36 -3.11
CA LEU A 194 39.96 6.40 -2.48
C LEU A 194 41.44 6.75 -2.75
N LYS A 195 41.80 7.06 -4.00
CA LYS A 195 43.15 7.56 -4.32
C LYS A 195 43.47 8.84 -3.56
N LYS A 196 42.61 9.83 -3.71
CA LYS A 196 42.71 11.14 -3.06
C LYS A 196 42.67 11.02 -1.53
N LEU A 197 43.42 10.05 -1.00
CA LEU A 197 43.22 9.52 0.36
C LEU A 197 44.20 8.39 0.68
N GLY A 198 44.54 7.59 -0.32
CA GLY A 198 45.64 6.62 -0.21
C GLY A 198 45.33 5.22 -0.73
N ILE A 199 44.05 4.87 -0.69
CA ILE A 199 43.60 3.49 -0.88
C ILE A 199 43.57 3.15 -2.38
N ASN A 200 44.43 2.23 -2.79
CA ASN A 200 44.47 1.71 -4.15
C ASN A 200 44.04 0.26 -4.21
N LYS A 201 44.06 -0.39 -3.05
CA LYS A 201 43.76 -1.81 -2.96
C LYS A 201 43.02 -2.06 -1.65
N LEU A 202 42.27 -3.15 -1.62
CA LEU A 202 41.35 -3.40 -0.51
C LEU A 202 42.08 -3.43 0.84
N VAL A 203 43.22 -4.11 0.89
CA VAL A 203 44.03 -4.23 2.11
C VAL A 203 44.36 -2.88 2.76
N ASP A 204 44.42 -1.82 1.97
CA ASP A 204 44.74 -0.48 2.48
C ASP A 204 43.70 0.12 3.42
N THR A 205 42.45 -0.33 3.34
CA THR A 205 41.36 0.15 4.22
C THR A 205 41.50 -0.30 5.67
N LEU A 206 42.39 -1.25 5.93
CA LEU A 206 42.68 -1.70 7.30
C LEU A 206 43.69 -0.81 8.04
N SER A 207 44.46 -0.01 7.31
CA SER A 207 45.53 0.83 7.88
C SER A 207 45.12 2.28 8.14
N ILE A 208 44.32 2.84 7.23
CA ILE A 208 43.65 4.12 7.44
C ILE A 208 42.66 4.05 8.63
N GLU A 209 42.49 5.18 9.32
CA GLU A 209 41.51 5.28 10.40
C GLU A 209 40.11 5.23 9.81
N PHE A 210 39.19 4.56 10.49
CA PHE A 210 37.83 4.31 9.96
C PHE A 210 37.07 5.59 9.64
N ASP A 211 37.05 6.51 10.61
CA ASP A 211 36.37 7.79 10.45
C ASP A 211 36.88 8.64 9.28
N LYS A 212 38.15 8.46 8.93
CA LYS A 212 38.75 9.16 7.78
C LYS A 212 38.16 8.60 6.47
N LEU A 213 38.14 7.27 6.36
CA LEU A 213 37.50 6.58 5.25
C LEU A 213 36.00 6.77 5.23
N LYS A 214 35.36 6.63 6.39
CA LYS A 214 33.93 6.92 6.53
C LYS A 214 33.62 8.35 6.10
N GLY A 215 34.51 9.28 6.44
CA GLY A 215 34.38 10.67 6.03
C GLY A 215 34.31 10.83 4.52
N MET A 216 35.20 10.14 3.81
CA MET A 216 35.27 10.28 2.35
C MET A 216 34.15 9.55 1.62
N ILE A 217 33.98 8.26 1.91
CA ILE A 217 33.08 7.39 1.10
C ILE A 217 31.73 7.00 1.75
N GLY A 218 31.54 7.34 3.02
CA GLY A 218 30.29 7.02 3.73
C GLY A 218 30.39 5.73 4.53
N GLU A 219 29.58 5.64 5.58
CA GLU A 219 29.59 4.50 6.49
C GLU A 219 29.41 3.16 5.76
N ALA A 220 28.39 3.07 4.92
CA ALA A 220 28.05 1.79 4.30
C ALA A 220 29.16 1.28 3.36
N LYS A 221 29.70 2.18 2.56
CA LYS A 221 30.78 1.81 1.64
C LYS A 221 32.09 1.51 2.40
N ALA A 222 32.36 2.26 3.45
CA ALA A 222 33.48 1.96 4.31
C ALA A 222 33.33 0.60 4.98
N LYS A 223 32.18 0.36 5.63
CA LYS A 223 31.91 -0.94 6.29
C LYS A 223 32.04 -2.12 5.32
N TYR A 224 31.55 -1.92 4.09
CA TYR A 224 31.61 -2.91 3.02
C TYR A 224 33.03 -3.25 2.61
N LEU A 225 33.83 -2.23 2.29
CA LEU A 225 35.19 -2.41 1.82
C LEU A 225 36.08 -3.02 2.91
N ILE A 226 35.93 -2.49 4.12
CA ILE A 226 36.57 -3.07 5.28
C ILE A 226 36.22 -4.55 5.46
N SER A 227 34.93 -4.89 5.36
CA SER A 227 34.51 -6.28 5.58
C SER A 227 35.08 -7.17 4.48
N LEU A 228 35.16 -6.63 3.27
CA LEU A 228 35.83 -7.35 2.18
C LEU A 228 37.31 -7.56 2.44
N ALA A 229 37.95 -6.52 2.96
CA ALA A 229 39.38 -6.54 3.21
C ALA A 229 39.75 -7.50 4.35
N ARG A 230 38.93 -7.56 5.39
CA ARG A 230 39.12 -8.54 6.47
C ARG A 230 38.68 -9.95 6.10
N ASP A 231 38.06 -10.12 4.94
CA ASP A 231 37.54 -11.41 4.48
C ASP A 231 36.40 -11.91 5.38
N GLU A 232 35.58 -10.99 5.86
CA GLU A 232 34.43 -11.26 6.70
C GLU A 232 33.11 -10.88 6.03
N TYR A 233 33.15 -10.52 4.75
CA TYR A 233 31.94 -10.25 3.97
C TYR A 233 31.27 -11.60 3.65
N ASN A 234 30.01 -11.77 4.05
CA ASN A 234 29.31 -13.08 3.90
C ASN A 234 27.82 -12.98 3.52
N GLU A 235 27.37 -11.80 3.12
CA GLU A 235 25.98 -11.54 2.72
C GLU A 235 25.25 -12.68 1.97
N PRO A 236 24.03 -13.01 2.42
CA PRO A 236 23.32 -14.17 1.91
C PRO A 236 22.75 -14.00 0.51
N ILE A 237 22.73 -15.08 -0.25
CA ILE A 237 21.99 -15.13 -1.47
C ILE A 237 20.52 -15.11 -1.10
N ARG A 238 19.83 -14.06 -1.52
CA ARG A 238 18.40 -13.94 -1.22
C ARG A 238 17.61 -13.46 -2.43
N THR A 239 16.36 -13.89 -2.50
CA THR A 239 15.54 -13.57 -3.67
C THR A 239 15.29 -12.07 -3.68
N ARG A 240 15.49 -11.44 -4.83
CA ARG A 240 15.25 -10.00 -4.98
C ARG A 240 13.81 -9.73 -5.40
N VAL A 241 13.23 -8.79 -4.70
CA VAL A 241 11.84 -8.43 -4.89
C VAL A 241 11.85 -7.01 -5.46
N ARG A 242 11.32 -6.85 -6.67
CA ARG A 242 11.25 -5.56 -7.35
C ARG A 242 10.55 -4.53 -6.46
N LYS A 243 11.22 -3.38 -6.31
CA LYS A 243 10.81 -2.34 -5.37
C LYS A 243 10.23 -1.08 -6.05
N SER A 244 10.49 -0.90 -7.34
CA SER A 244 9.93 0.24 -8.05
C SER A 244 9.89 -0.02 -9.55
N ILE A 245 8.95 0.66 -10.22
CA ILE A 245 8.69 0.50 -11.66
C ILE A 245 8.38 1.88 -12.21
N GLY A 246 8.85 2.17 -13.41
CA GLY A 246 8.76 3.50 -13.98
C GLY A 246 9.17 3.54 -15.42
N ARG A 247 9.03 4.72 -16.01
CA ARG A 247 9.37 4.95 -17.43
C ARG A 247 9.77 6.42 -17.53
N ILE A 248 10.82 6.71 -18.28
CA ILE A 248 11.22 8.08 -18.61
C ILE A 248 11.33 8.12 -20.11
N VAL A 249 10.82 9.20 -20.71
CA VAL A 249 10.96 9.41 -22.15
C VAL A 249 11.60 10.73 -22.49
N THR A 250 12.31 10.74 -23.61
CA THR A 250 12.94 11.95 -24.14
C THR A 250 11.92 12.71 -24.99
N MET A 251 11.70 13.96 -24.63
CA MET A 251 10.84 14.86 -25.40
C MET A 251 11.58 15.32 -26.67
N LYS A 252 10.83 15.61 -27.73
CA LYS A 252 11.45 16.02 -29.01
C LYS A 252 12.19 17.35 -28.91
N ARG A 253 11.71 18.24 -28.04
CA ARG A 253 12.37 19.50 -27.73
C ARG A 253 12.38 19.69 -26.21
N ASN A 254 13.40 20.36 -25.69
CA ASN A 254 13.38 20.77 -24.28
C ASN A 254 12.29 21.82 -24.04
N SER A 255 11.81 21.91 -22.80
CA SER A 255 10.66 22.76 -22.50
C SER A 255 10.40 22.97 -20.99
N ARG A 256 9.76 24.09 -20.66
CA ARG A 256 9.20 24.34 -19.33
C ARG A 256 7.70 24.58 -19.42
N ASN A 257 7.12 24.26 -20.58
CA ASN A 257 5.71 24.47 -20.79
C ASN A 257 4.92 23.25 -20.36
N LEU A 258 4.10 23.43 -19.33
CA LEU A 258 3.28 22.35 -18.78
C LEU A 258 2.51 21.58 -19.86
N GLU A 259 1.85 22.30 -20.76
CA GLU A 259 0.89 21.66 -21.68
C GLU A 259 1.54 20.78 -22.77
N GLU A 260 2.81 21.02 -23.09
CA GLU A 260 3.51 20.19 -24.06
C GLU A 260 4.40 19.12 -23.41
N ILE A 261 4.63 19.22 -22.10
CA ILE A 261 5.31 18.17 -21.35
C ILE A 261 4.31 17.07 -20.96
N LYS A 262 3.09 17.50 -20.65
CA LYS A 262 2.00 16.62 -20.19
C LYS A 262 1.83 15.31 -21.00
N PRO A 263 1.76 15.42 -22.35
CA PRO A 263 1.58 14.20 -23.12
C PRO A 263 2.65 13.12 -22.87
N TYR A 264 3.91 13.54 -22.73
CA TYR A 264 4.99 12.61 -22.49
C TYR A 264 4.82 12.01 -21.08
N LEU A 265 4.52 12.87 -20.11
CA LEU A 265 4.27 12.45 -18.75
C LEU A 265 3.16 11.41 -18.69
N PHE A 266 2.10 11.65 -19.45
CA PHE A 266 0.94 10.75 -19.44
C PHE A 266 1.24 9.39 -20.09
N ARG A 267 1.95 9.40 -21.21
CA ARG A 267 2.42 8.17 -21.83
C ARG A 267 3.29 7.35 -20.87
N ALA A 268 4.24 8.03 -20.20
CA ALA A 268 5.09 7.34 -19.25
C ALA A 268 4.29 6.65 -18.15
N ILE A 269 3.17 7.29 -17.76
CA ILE A 269 2.24 6.78 -16.75
C ILE A 269 1.46 5.59 -17.27
N GLU A 270 0.93 5.71 -18.47
CA GLU A 270 0.23 4.58 -19.12
C GLU A 270 1.18 3.38 -19.25
N GLU A 271 2.38 3.63 -19.77
CA GLU A 271 3.38 2.57 -19.91
C GLU A 271 3.76 1.99 -18.55
N SER A 272 3.87 2.84 -17.54
CA SER A 272 4.27 2.37 -16.21
C SER A 272 3.21 1.51 -15.57
N TYR A 273 1.95 1.83 -15.79
CA TYR A 273 0.83 1.04 -15.21
C TYR A 273 0.64 -0.33 -15.84
N TYR A 274 0.83 -0.41 -17.16
CA TYR A 274 0.91 -1.69 -17.85
C TYR A 274 1.96 -2.52 -17.14
N LYS A 275 3.19 -2.01 -17.09
CA LYS A 275 4.32 -2.73 -16.49
C LYS A 275 4.12 -3.08 -15.03
N LEU A 276 3.36 -2.26 -14.31
CA LEU A 276 3.00 -2.51 -12.91
C LEU A 276 2.22 -3.83 -12.77
N ASP A 277 1.34 -4.10 -13.74
CA ASP A 277 0.53 -5.32 -13.76
C ASP A 277 -0.45 -5.32 -12.57
N LYS A 278 -0.32 -6.27 -11.65
CA LYS A 278 -1.24 -6.37 -10.52
C LYS A 278 -0.74 -5.60 -9.30
N ARG A 279 0.51 -5.15 -9.35
CA ARG A 279 1.07 -4.36 -8.25
C ARG A 279 0.49 -2.96 -8.15
N ILE A 280 0.10 -2.60 -6.95
CA ILE A 280 -0.50 -1.31 -6.65
C ILE A 280 0.47 -0.47 -5.80
N PRO A 281 0.97 0.66 -6.35
CA PRO A 281 1.90 1.50 -5.64
C PRO A 281 1.20 2.49 -4.71
N LYS A 282 1.81 2.74 -3.55
CA LYS A 282 1.38 3.77 -2.62
C LYS A 282 2.19 5.06 -2.81
N ALA A 283 3.24 4.99 -3.63
CA ALA A 283 4.13 6.12 -3.84
C ALA A 283 4.43 6.38 -5.32
N ILE A 284 4.54 7.67 -5.65
CA ILE A 284 4.79 8.13 -7.01
C ILE A 284 5.84 9.23 -6.94
N HIS A 285 6.71 9.23 -7.94
CA HIS A 285 7.74 10.24 -8.08
C HIS A 285 7.72 10.65 -9.52
N VAL A 286 7.73 11.96 -9.80
CA VAL A 286 7.93 12.45 -11.16
C VAL A 286 9.41 12.77 -11.22
N VAL A 287 10.04 12.36 -12.31
CA VAL A 287 11.47 12.55 -12.52
C VAL A 287 11.68 13.27 -13.82
N ALA A 288 12.49 14.32 -13.77
CA ALA A 288 12.87 15.09 -14.94
C ALA A 288 14.39 15.07 -15.07
N VAL A 289 14.87 15.00 -16.31
CA VAL A 289 16.27 15.23 -16.60
C VAL A 289 16.30 16.61 -17.24
N THR A 290 17.07 17.53 -16.65
CA THR A 290 17.16 18.90 -17.18
C THR A 290 17.95 18.92 -18.49
N GLU A 291 18.00 20.05 -19.19
CA GLU A 291 18.73 20.14 -20.46
C GLU A 291 20.24 19.96 -20.28
N ASP A 292 20.75 20.34 -19.11
CA ASP A 292 22.15 20.07 -18.74
C ASP A 292 22.33 18.68 -18.09
N LEU A 293 21.33 17.82 -18.27
CA LEU A 293 21.38 16.39 -17.92
C LEU A 293 21.44 16.06 -16.41
N ASP A 294 21.04 17.03 -15.58
CA ASP A 294 20.87 16.82 -14.15
C ASP A 294 19.47 16.21 -13.87
N ILE A 295 19.38 15.36 -12.85
CA ILE A 295 18.14 14.63 -12.52
C ILE A 295 17.42 15.34 -11.37
N VAL A 296 16.18 15.75 -11.60
CA VAL A 296 15.36 16.42 -10.60
C VAL A 296 14.05 15.66 -10.42
N SER A 297 13.62 15.45 -9.17
CA SER A 297 12.44 14.64 -8.93
C SER A 297 11.65 15.04 -7.70
N ARG A 298 10.33 14.89 -7.80
CA ARG A 298 9.45 15.17 -6.66
C ARG A 298 8.48 14.05 -6.55
N GLY A 299 8.16 13.65 -5.33
CA GLY A 299 7.30 12.51 -5.08
C GLY A 299 6.40 12.64 -3.88
N ARG A 300 5.37 11.82 -3.85
CA ARG A 300 4.47 11.77 -2.72
C ARG A 300 4.11 10.34 -2.43
N THR A 301 4.02 10.02 -1.15
CA THR A 301 3.49 8.75 -0.66
C THR A 301 2.03 8.96 -0.18
N PHE A 302 1.19 7.97 -0.46
CA PHE A 302 -0.20 8.01 -0.08
C PHE A 302 -0.45 6.93 0.97
N PRO A 303 -1.38 7.17 1.91
CA PRO A 303 -1.78 6.09 2.83
C PRO A 303 -2.69 5.03 2.18
N HIS A 304 -2.61 4.89 0.86
CA HIS A 304 -3.41 3.91 0.15
C HIS A 304 -2.82 3.77 -1.23
N GLY A 305 -3.29 2.80 -1.98
CA GLY A 305 -2.86 2.60 -3.35
C GLY A 305 -3.27 3.74 -4.30
N ILE A 306 -2.41 3.98 -5.29
CA ILE A 306 -2.57 5.04 -6.28
C ILE A 306 -3.27 4.48 -7.51
N SER A 307 -4.50 4.92 -7.75
CA SER A 307 -5.21 4.58 -8.98
C SER A 307 -4.56 5.30 -10.15
N LYS A 308 -4.82 4.83 -11.36
CA LYS A 308 -4.26 5.49 -12.53
C LYS A 308 -4.68 6.96 -12.66
N GLU A 309 -5.92 7.24 -12.29
CA GLU A 309 -6.48 8.58 -12.40
C GLU A 309 -5.84 9.52 -11.36
N THR A 310 -5.60 9.00 -10.16
CA THR A 310 -4.81 9.70 -9.15
C THR A 310 -3.36 9.90 -9.62
N ALA A 311 -2.81 8.93 -10.33
CA ALA A 311 -1.44 9.06 -10.86
C ALA A 311 -1.37 10.25 -11.81
N TYR A 312 -2.31 10.27 -12.75
CA TYR A 312 -2.47 11.40 -13.68
C TYR A 312 -2.50 12.75 -12.95
N SER A 313 -3.30 12.83 -11.90
CA SER A 313 -3.48 14.09 -11.18
C SER A 313 -2.29 14.50 -10.33
N GLU A 314 -1.83 13.57 -9.50
CA GLU A 314 -0.69 13.86 -8.64
C GLU A 314 0.55 14.15 -9.45
N SER A 315 0.66 13.55 -10.65
CA SER A 315 1.88 13.69 -11.42
C SER A 315 2.03 15.11 -11.96
N VAL A 316 0.90 15.75 -12.25
CA VAL A 316 0.91 17.12 -12.76
C VAL A 316 1.31 18.08 -11.67
N LYS A 317 0.83 17.85 -10.46
CA LYS A 317 1.18 18.68 -9.31
C LYS A 317 2.65 18.55 -8.97
N LEU A 318 3.19 17.34 -9.04
CA LEU A 318 4.61 17.09 -8.76
C LEU A 318 5.47 17.72 -9.86
N LEU A 319 5.01 17.63 -11.11
CA LEU A 319 5.69 18.29 -12.22
C LEU A 319 5.69 19.80 -12.02
N GLN A 320 4.53 20.36 -11.68
CA GLN A 320 4.44 21.81 -11.42
C GLN A 320 5.42 22.26 -10.32
N LYS A 321 5.57 21.42 -9.30
CA LYS A 321 6.49 21.70 -8.18
C LYS A 321 7.94 21.71 -8.65
N ILE A 322 8.28 20.87 -9.63
CA ILE A 322 9.61 20.87 -10.25
C ILE A 322 9.84 22.18 -10.98
N LEU A 323 8.94 22.51 -11.90
CA LEU A 323 9.00 23.79 -12.64
C LEU A 323 9.14 25.01 -11.73
N GLU A 324 8.44 25.00 -10.61
CA GLU A 324 8.47 26.09 -9.65
C GLU A 324 9.79 26.15 -8.88
N GLU A 325 10.26 25.00 -8.41
CA GLU A 325 11.42 24.97 -7.52
C GLU A 325 12.76 24.87 -8.27
N ASP A 326 12.70 24.57 -9.56
CA ASP A 326 13.91 24.47 -10.40
C ASP A 326 13.72 25.17 -11.73
N GLU A 327 14.64 26.06 -12.05
CA GLU A 327 14.46 27.06 -13.10
C GLU A 327 14.95 26.61 -14.49
N ARG A 328 15.52 25.41 -14.56
CA ARG A 328 16.15 24.94 -15.79
C ARG A 328 15.15 24.21 -16.67
N LYS A 329 15.43 24.18 -17.98
CA LYS A 329 14.59 23.48 -18.96
C LYS A 329 14.61 21.98 -18.76
N ILE A 330 13.51 21.32 -19.14
CA ILE A 330 13.37 19.88 -19.01
C ILE A 330 13.57 19.21 -20.38
N ARG A 331 14.38 18.14 -20.39
CA ARG A 331 14.69 17.36 -21.59
C ARG A 331 14.01 15.99 -21.61
N ARG A 332 13.94 15.36 -20.44
CA ARG A 332 13.33 14.06 -20.28
C ARG A 332 12.40 14.11 -19.09
N ILE A 333 11.31 13.36 -19.17
CA ILE A 333 10.33 13.37 -18.14
C ILE A 333 9.71 11.99 -18.06
N GLY A 334 9.54 11.52 -16.83
CA GLY A 334 8.80 10.31 -16.58
C GLY A 334 8.37 10.24 -15.15
N VAL A 335 7.94 9.06 -14.76
CA VAL A 335 7.46 8.79 -13.44
C VAL A 335 8.10 7.51 -12.94
N ARG A 336 7.96 7.27 -11.64
CA ARG A 336 8.39 6.02 -11.01
C ARG A 336 7.48 5.71 -9.83
N PHE A 337 7.04 4.47 -9.73
CA PHE A 337 6.10 4.08 -8.70
C PHE A 337 6.75 3.11 -7.71
N SER A 338 6.38 3.21 -6.45
CA SER A 338 7.01 2.37 -5.46
C SER A 338 6.09 2.10 -4.27
N LYS A 339 6.66 1.46 -3.26
CA LYS A 339 5.97 1.04 -2.03
C LYS A 339 4.69 0.28 -2.32
N PHE A 340 4.86 -0.89 -2.90
CA PHE A 340 3.76 -1.69 -3.35
C PHE A 340 3.00 -2.36 -2.21
N ILE A 341 1.71 -2.62 -2.46
CA ILE A 341 0.83 -3.25 -1.48
C ILE A 341 1.21 -4.73 -1.32
N GLU A 342 1.36 -5.15 -0.05
CA GLU A 342 1.61 -6.55 0.31
C GLU A 342 0.35 -7.19 0.91
N1 DOC B 13 24.52 0.11 -15.97
C2 DOC B 13 23.38 0.67 -16.58
N3 DOC B 13 23.39 1.97 -16.96
C4 DOC B 13 24.48 2.74 -16.74
C5 DOC B 13 25.61 2.21 -16.14
C6 DOC B 13 25.61 0.88 -15.75
O2 DOC B 13 22.35 -0.01 -16.77
N4 DOC B 13 24.47 4.03 -17.13
C1' DOC B 13 24.47 -1.31 -15.54
C2' DOC B 13 24.19 -2.29 -16.68
C3' DOC B 13 25.27 -3.35 -16.60
C4' DOC B 13 26.08 -3.02 -15.36
O4' DOC B 13 25.73 -1.69 -14.99
C5' DOC B 13 27.58 -3.07 -15.56
O5' DOC B 13 28.26 -2.93 -14.31
P DOC B 13 28.34 -4.13 -13.25
OP1 DOC B 13 27.46 -5.28 -13.72
OP2 DOC B 13 29.81 -4.42 -13.02
N MET D 1 -15.07 -13.97 31.89
CA MET D 1 -15.89 -13.73 30.67
C MET D 1 -15.08 -14.07 29.41
N ILE D 2 -15.72 -14.78 28.49
CA ILE D 2 -15.17 -15.00 27.14
C ILE D 2 -16.13 -14.39 26.13
N VAL D 3 -15.63 -13.42 25.37
CA VAL D 3 -16.42 -12.66 24.39
C VAL D 3 -16.00 -12.97 22.96
N LEU D 4 -16.99 -13.15 22.11
CA LEU D 4 -16.80 -13.47 20.70
C LEU D 4 -17.57 -12.41 19.86
N PHE D 5 -16.81 -11.57 19.16
CA PHE D 5 -17.36 -10.40 18.43
C PHE D 5 -17.37 -10.71 16.94
N VAL D 6 -18.53 -10.54 16.31
CA VAL D 6 -18.66 -10.71 14.88
C VAL D 6 -18.88 -9.36 14.19
N ASP D 7 -18.03 -9.08 13.21
CA ASP D 7 -18.15 -7.88 12.39
C ASP D 7 -18.26 -8.26 10.93
N PHE D 8 -19.40 -8.00 10.30
CA PHE D 8 -19.59 -8.31 8.87
C PHE D 8 -18.71 -7.38 8.03
N ASP D 9 -18.07 -7.94 7.02
CA ASP D 9 -17.07 -7.23 6.23
C ASP D 9 -17.72 -6.37 5.20
N TYR D 10 -17.21 -5.14 5.04
CA TYR D 10 -17.71 -4.14 4.08
C TYR D 10 -19.20 -4.36 3.76
N PHE D 11 -19.99 -4.37 4.82
CA PHE D 11 -21.28 -5.04 4.77
C PHE D 11 -22.20 -4.56 3.65
N TYR D 12 -22.37 -3.26 3.49
CA TYR D 12 -23.35 -2.80 2.51
C TYR D 12 -22.92 -3.20 1.09
N ALA D 13 -21.62 -3.11 0.82
CA ALA D 13 -21.12 -3.45 -0.50
C ALA D 13 -21.27 -4.94 -0.74
N GLN D 14 -20.95 -5.75 0.27
CA GLN D 14 -21.05 -7.21 0.17
C GLN D 14 -22.49 -7.70 -0.08
N VAL D 15 -23.48 -6.99 0.47
CA VAL D 15 -24.86 -7.39 0.19
C VAL D 15 -25.21 -7.08 -1.25
N GLU D 16 -24.70 -5.97 -1.77
CA GLU D 16 -24.88 -5.66 -3.18
C GLU D 16 -24.24 -6.74 -4.07
N GLU D 17 -23.10 -7.27 -3.64
CA GLU D 17 -22.42 -8.35 -4.35
C GLU D 17 -23.19 -9.67 -4.25
N VAL D 18 -23.76 -9.99 -3.09
CA VAL D 18 -24.59 -11.18 -2.97
C VAL D 18 -25.84 -11.10 -3.86
N LEU D 19 -26.44 -9.91 -3.95
CA LEU D 19 -27.62 -9.71 -4.81
C LEU D 19 -27.25 -9.65 -6.28
N ASN D 20 -26.00 -9.32 -6.59
CA ASN D 20 -25.50 -9.28 -7.97
C ASN D 20 -24.03 -9.76 -8.03
N PRO D 21 -23.82 -11.09 -8.07
CA PRO D 21 -22.46 -11.65 -8.06
C PRO D 21 -21.56 -11.18 -9.18
N SER D 22 -22.14 -10.58 -10.21
CA SER D 22 -21.40 -9.85 -11.24
C SER D 22 -20.35 -8.90 -10.66
N LEU D 23 -20.72 -8.21 -9.59
CA LEU D 23 -19.89 -7.19 -8.98
C LEU D 23 -18.61 -7.72 -8.36
N LYS D 24 -18.57 -9.01 -8.04
CA LYS D 24 -17.42 -9.58 -7.35
C LYS D 24 -16.14 -9.30 -8.13
N GLY D 25 -15.14 -8.78 -7.43
CA GLY D 25 -13.87 -8.41 -8.05
C GLY D 25 -13.73 -6.96 -8.48
N LYS D 26 -14.85 -6.30 -8.75
CA LYS D 26 -14.87 -4.87 -9.09
C LYS D 26 -14.89 -3.97 -7.84
N PRO D 27 -14.36 -2.74 -7.93
CA PRO D 27 -14.55 -1.80 -6.82
C PRO D 27 -16.00 -1.33 -6.73
N VAL D 28 -16.62 -1.49 -5.57
CA VAL D 28 -18.02 -1.16 -5.36
C VAL D 28 -18.15 -0.09 -4.28
N VAL D 29 -18.94 0.96 -4.57
CA VAL D 29 -19.10 2.11 -3.67
C VAL D 29 -20.60 2.37 -3.40
N VAL D 30 -21.03 2.11 -2.16
CA VAL D 30 -22.40 2.37 -1.73
C VAL D 30 -22.52 3.82 -1.26
N CYS D 31 -23.48 4.52 -1.82
CA CYS D 31 -23.54 5.98 -1.74
C CYS D 31 -24.82 6.53 -1.10
N VAL D 32 -24.65 7.61 -0.38
CA VAL D 32 -25.77 8.40 0.14
C VAL D 32 -25.91 9.62 -0.75
N PHE D 33 -26.72 9.49 -1.79
CA PHE D 33 -27.00 10.60 -2.73
C PHE D 33 -27.97 11.57 -2.08
N SER D 34 -27.51 12.78 -1.78
CA SER D 34 -28.34 13.79 -1.11
C SER D 34 -29.41 14.40 -2.02
N GLY D 35 -29.29 14.19 -3.33
CA GLY D 35 -30.30 14.62 -4.29
C GLY D 35 -30.30 16.11 -4.58
N ARG D 36 -29.41 16.84 -3.91
CA ARG D 36 -29.30 18.29 -4.11
C ARG D 36 -28.93 18.54 -5.55
N PHE D 37 -27.79 18.00 -5.96
CA PHE D 37 -27.43 17.92 -7.38
C PHE D 37 -26.90 16.52 -7.69
N GLU D 38 -26.58 16.28 -8.96
CA GLU D 38 -26.08 14.99 -9.41
C GLU D 38 -24.74 14.66 -8.72
N ASP D 39 -24.73 13.56 -7.97
CA ASP D 39 -23.55 13.08 -7.23
C ASP D 39 -23.13 13.97 -6.06
N SER D 40 -24.05 14.78 -5.56
CA SER D 40 -23.89 15.39 -4.24
C SER D 40 -24.19 14.30 -3.25
N GLY D 41 -23.42 14.20 -2.17
CA GLY D 41 -23.57 13.10 -1.24
C GLY D 41 -22.27 12.60 -0.62
N ALA D 42 -22.37 11.56 0.21
CA ALA D 42 -21.20 10.93 0.79
C ALA D 42 -21.18 9.43 0.51
N VAL D 43 -19.98 8.84 0.65
CA VAL D 43 -19.80 7.40 0.57
C VAL D 43 -20.13 6.83 1.94
N ALA D 44 -21.03 5.87 1.94
CA ALA D 44 -21.46 5.22 3.17
C ALA D 44 -20.51 4.07 3.42
N THR D 45 -20.28 3.28 2.37
CA THR D 45 -19.16 2.35 2.36
C THR D 45 -18.71 1.85 1.00
N ALA D 46 -17.55 1.21 1.01
CA ALA D 46 -16.92 0.70 -0.19
C ALA D 46 -16.38 -0.70 0.06
N ASN D 47 -16.21 -1.49 -0.97
CA ASN D 47 -15.54 -2.77 -0.76
C ASN D 47 -14.00 -2.60 -0.77
N TYR D 48 -13.28 -3.65 -0.43
CA TYR D 48 -11.83 -3.55 -0.30
C TYR D 48 -11.13 -3.21 -1.60
N GLU D 49 -11.68 -3.62 -2.74
CA GLU D 49 -11.13 -3.24 -4.03
C GLU D 49 -11.22 -1.72 -4.26
N ALA D 50 -12.31 -1.11 -3.81
CA ALA D 50 -12.43 0.35 -3.81
C ALA D 50 -11.55 0.99 -2.75
N ARG D 51 -11.54 0.43 -1.54
CA ARG D 51 -10.74 1.00 -0.43
C ARG D 51 -9.25 0.96 -0.67
N LYS D 52 -8.78 -0.07 -1.36
CA LYS D 52 -7.36 -0.17 -1.74
C LYS D 52 -6.84 1.12 -2.37
N PHE D 53 -7.69 1.78 -3.15
CA PHE D 53 -7.30 3.00 -3.86
C PHE D 53 -7.66 4.26 -3.14
N GLY D 54 -8.15 4.12 -1.90
CA GLY D 54 -8.42 5.27 -1.04
C GLY D 54 -9.86 5.74 -0.89
N VAL D 55 -10.79 5.25 -1.73
CA VAL D 55 -12.22 5.60 -1.51
C VAL D 55 -12.72 4.87 -0.26
N LYS D 56 -13.12 5.65 0.75
CA LYS D 56 -13.59 5.10 2.03
C LYS D 56 -14.80 5.87 2.56
N ALA D 57 -15.49 5.24 3.51
CA ALA D 57 -16.66 5.83 4.16
C ALA D 57 -16.37 7.24 4.63
N GLY D 58 -17.26 8.17 4.26
CA GLY D 58 -17.16 9.55 4.74
C GLY D 58 -16.74 10.57 3.72
N ILE D 59 -15.95 10.18 2.72
CA ILE D 59 -15.50 11.15 1.71
C ILE D 59 -16.70 11.48 0.83
N PRO D 60 -16.69 12.66 0.17
CA PRO D 60 -17.76 13.00 -0.78
C PRO D 60 -17.72 12.12 -2.01
N ILE D 61 -18.88 11.85 -2.58
CA ILE D 61 -18.98 10.98 -3.75
C ILE D 61 -18.17 11.54 -4.90
N VAL D 62 -18.20 12.86 -5.07
CA VAL D 62 -17.52 13.49 -6.18
C VAL D 62 -16.01 13.20 -6.10
N GLU D 63 -15.46 13.15 -4.90
CA GLU D 63 -14.07 12.81 -4.71
C GLU D 63 -13.80 11.35 -5.07
N ALA D 64 -14.71 10.47 -4.69
CA ALA D 64 -14.60 9.06 -5.06
C ALA D 64 -14.58 8.86 -6.59
N LYS D 65 -15.36 9.65 -7.30
CA LYS D 65 -15.46 9.55 -8.77
C LYS D 65 -14.15 9.92 -9.47
N LYS D 66 -13.41 10.86 -8.89
CA LYS D 66 -12.10 11.26 -9.39
C LYS D 66 -11.06 10.16 -9.24
N ILE D 67 -11.15 9.42 -8.14
CA ILE D 67 -10.22 8.34 -7.85
C ILE D 67 -10.54 7.11 -8.71
N LEU D 68 -11.78 6.67 -8.62
CA LEU D 68 -12.22 5.48 -9.34
C LEU D 68 -13.46 5.83 -10.19
N PRO D 69 -13.24 6.44 -11.37
CA PRO D 69 -14.38 6.86 -12.20
C PRO D 69 -15.15 5.71 -12.82
N ASN D 70 -14.51 4.55 -12.99
CA ASN D 70 -15.15 3.37 -13.56
C ASN D 70 -15.66 2.39 -12.49
N ALA D 71 -15.64 2.78 -11.21
CA ALA D 71 -16.17 1.92 -10.16
C ALA D 71 -17.69 1.88 -10.27
N VAL D 72 -18.29 0.81 -9.72
CA VAL D 72 -19.73 0.67 -9.67
C VAL D 72 -20.24 1.44 -8.44
N TYR D 73 -21.05 2.46 -8.68
CA TYR D 73 -21.62 3.31 -7.63
C TYR D 73 -23.09 3.01 -7.46
N LEU D 74 -23.48 2.71 -6.24
CA LEU D 74 -24.85 2.25 -5.97
C LEU D 74 -25.47 3.09 -4.88
N PRO D 75 -26.80 3.33 -4.98
CA PRO D 75 -27.46 4.04 -3.90
C PRO D 75 -27.67 3.08 -2.76
N MET D 76 -27.44 3.58 -1.55
CA MET D 76 -27.81 2.84 -0.36
C MET D 76 -29.23 2.35 -0.39
N ARG D 77 -29.38 1.06 -0.14
CA ARG D 77 -30.64 0.41 0.08
C ARG D 77 -30.69 -0.16 1.51
N LYS D 78 -30.93 0.71 2.48
CA LYS D 78 -30.79 0.30 3.87
C LYS D 78 -31.79 -0.75 4.30
N GLU D 79 -33.00 -0.71 3.76
CA GLU D 79 -34.03 -1.68 4.14
C GLU D 79 -33.54 -3.08 3.81
N VAL D 80 -32.97 -3.25 2.62
CA VAL D 80 -32.38 -4.55 2.20
C VAL D 80 -31.26 -5.00 3.16
N TYR D 81 -30.31 -4.11 3.41
CA TYR D 81 -29.18 -4.44 4.29
C TYR D 81 -29.67 -4.83 5.69
N GLN D 82 -30.68 -4.12 6.17
CA GLN D 82 -31.24 -4.37 7.50
C GLN D 82 -31.87 -5.74 7.60
N GLN D 83 -32.48 -6.18 6.53
CA GLN D 83 -33.13 -7.48 6.47
C GLN D 83 -32.12 -8.62 6.34
N VAL D 84 -31.03 -8.43 5.58
CA VAL D 84 -29.94 -9.41 5.60
C VAL D 84 -29.33 -9.47 7.00
N SER D 85 -29.09 -8.30 7.61
CA SER D 85 -28.55 -8.25 8.97
C SER D 85 -29.38 -9.03 9.97
N SER D 86 -30.70 -8.81 9.97
CA SER D 86 -31.61 -9.50 10.88
C SER D 86 -31.55 -11.02 10.78
N ARG D 87 -31.38 -11.54 9.57
CA ARG D 87 -31.26 -12.98 9.40
C ARG D 87 -29.93 -13.50 9.96
N ILE D 88 -28.85 -12.74 9.79
CA ILE D 88 -27.56 -13.15 10.35
C ILE D 88 -27.58 -13.06 11.89
N MET D 89 -28.26 -12.04 12.42
CA MET D 89 -28.34 -11.88 13.87
C MET D 89 -29.08 -13.05 14.52
N ASN D 90 -30.11 -13.56 13.86
CA ASN D 90 -30.80 -14.77 14.32
C ASN D 90 -29.96 -16.06 14.27
N LEU D 91 -29.10 -16.23 13.26
CA LEU D 91 -28.11 -17.32 13.27
C LEU D 91 -27.21 -17.23 14.51
N LEU D 92 -26.78 -16.02 14.84
CA LEU D 92 -25.94 -15.83 16.03
C LEU D 92 -26.71 -16.18 17.31
N ARG D 93 -28.02 -15.96 17.31
CA ARG D 93 -28.89 -16.36 18.43
C ARG D 93 -28.76 -17.86 18.76
N GLU D 94 -28.55 -18.68 17.75
CA GLU D 94 -28.36 -20.13 17.90
C GLU D 94 -27.12 -20.50 18.72
N TYR D 95 -26.10 -19.63 18.72
CA TYR D 95 -24.83 -19.89 19.40
C TYR D 95 -24.72 -19.30 20.81
N SER D 96 -25.58 -18.35 21.15
CA SER D 96 -25.66 -17.79 22.52
C SER D 96 -26.93 -16.95 22.66
N GLU D 97 -27.52 -16.98 23.85
CA GLU D 97 -28.66 -16.12 24.17
C GLU D 97 -28.16 -14.76 24.67
N LYS D 98 -26.91 -14.76 25.13
CA LYS D 98 -26.25 -13.56 25.59
C LYS D 98 -25.56 -12.88 24.39
N ILE D 99 -26.31 -11.99 23.74
CA ILE D 99 -25.88 -11.34 22.51
C ILE D 99 -26.19 -9.83 22.53
N GLU D 100 -25.16 -9.04 22.27
CA GLU D 100 -25.31 -7.59 22.14
C GLU D 100 -25.21 -7.21 20.65
N ILE D 101 -26.32 -6.83 20.05
CA ILE D 101 -26.31 -6.34 18.68
C ILE D 101 -25.94 -4.87 18.73
N ALA D 102 -24.70 -4.53 18.38
CA ALA D 102 -24.16 -3.19 18.57
C ALA D 102 -24.50 -2.28 17.41
N SER D 103 -24.58 -2.85 16.21
CA SER D 103 -25.04 -2.08 15.05
C SER D 103 -25.55 -3.03 14.03
N ILE D 104 -25.90 -2.52 12.87
CA ILE D 104 -26.43 -3.33 11.79
C ILE D 104 -25.46 -4.46 11.32
N ASP D 105 -24.16 -4.32 11.59
CA ASP D 105 -23.22 -5.32 11.16
C ASP D 105 -22.24 -5.75 12.22
N GLU D 106 -22.60 -5.60 13.49
CA GLU D 106 -21.71 -5.94 14.59
C GLU D 106 -22.52 -6.50 15.72
N ALA D 107 -21.99 -7.53 16.35
CA ALA D 107 -22.60 -8.09 17.51
C ALA D 107 -21.56 -8.82 18.38
N TYR D 108 -21.82 -8.84 19.68
CA TYR D 108 -20.95 -9.51 20.64
C TYR D 108 -21.67 -10.71 21.24
N LEU D 109 -21.00 -11.85 21.28
CA LEU D 109 -21.50 -13.02 21.96
C LEU D 109 -20.71 -13.25 23.24
N ASP D 110 -21.41 -13.26 24.37
CA ASP D 110 -20.84 -13.77 25.62
C ASP D 110 -20.99 -15.28 25.54
N ILE D 111 -19.88 -15.96 25.28
CA ILE D 111 -19.86 -17.43 25.12
C ILE D 111 -19.15 -18.15 26.28
N SER D 112 -19.08 -17.47 27.42
CA SER D 112 -18.86 -18.16 28.70
C SER D 112 -20.14 -18.98 28.87
N ASP D 113 -19.98 -20.26 29.17
CA ASP D 113 -21.09 -21.26 29.25
C ASP D 113 -21.12 -22.20 28.05
N LYS D 114 -20.43 -21.82 26.98
CA LYS D 114 -20.42 -22.61 25.75
C LYS D 114 -19.04 -23.11 25.39
N VAL D 115 -18.03 -22.60 26.07
CA VAL D 115 -16.64 -22.85 25.69
C VAL D 115 -15.76 -22.80 26.94
N ARG D 116 -14.76 -23.69 26.99
CA ARG D 116 -13.91 -23.82 28.17
C ARG D 116 -12.73 -22.84 28.13
N ASP D 117 -11.98 -22.87 27.04
CA ASP D 117 -10.82 -21.99 26.86
C ASP D 117 -10.82 -21.30 25.48
N TYR D 118 -9.74 -20.59 25.16
CA TYR D 118 -9.63 -19.82 23.92
C TYR D 118 -9.49 -20.63 22.65
N ARG D 119 -9.06 -21.88 22.78
CA ARG D 119 -8.94 -22.80 21.66
C ARG D 119 -10.31 -23.20 21.11
N GLU D 120 -11.20 -23.67 21.97
CA GLU D 120 -12.53 -24.11 21.55
C GLU D 120 -13.43 -22.92 21.19
N ALA D 121 -13.07 -21.74 21.65
CA ALA D 121 -13.67 -20.50 21.19
C ALA D 121 -13.34 -20.27 19.72
N TYR D 122 -12.05 -20.38 19.40
CA TYR D 122 -11.53 -20.23 18.03
C TYR D 122 -12.21 -21.17 17.02
N ASN D 123 -12.61 -22.35 17.48
CA ASN D 123 -13.31 -23.31 16.62
C ASN D 123 -14.82 -23.04 16.58
N LEU D 124 -15.35 -22.48 17.65
CA LEU D 124 -16.72 -21.94 17.64
C LEU D 124 -16.79 -20.76 16.66
N GLY D 125 -15.74 -19.94 16.68
CA GLY D 125 -15.63 -18.82 15.77
C GLY D 125 -15.68 -19.26 14.33
N LEU D 126 -15.04 -20.40 14.05
CA LEU D 126 -15.02 -20.95 12.70
C LEU D 126 -16.34 -21.61 12.32
N GLU D 127 -17.05 -22.17 13.29
CA GLU D 127 -18.38 -22.72 13.03
C GLU D 127 -19.37 -21.60 12.69
N ILE D 128 -19.20 -20.44 13.33
CA ILE D 128 -20.04 -19.26 13.07
C ILE D 128 -19.78 -18.68 11.67
N LYS D 129 -18.51 -18.45 11.31
CA LYS D 129 -18.16 -17.92 9.99
C LYS D 129 -18.72 -18.79 8.89
N ASN D 130 -18.48 -20.09 9.04
CA ASN D 130 -18.93 -21.10 8.08
C ASN D 130 -20.45 -21.20 7.97
N LYS D 131 -21.16 -21.07 9.08
CA LYS D 131 -22.63 -21.11 9.03
C LYS D 131 -23.22 -19.85 8.36
N ILE D 132 -22.62 -18.69 8.59
CA ILE D 132 -23.06 -17.45 7.95
C ILE D 132 -22.75 -17.53 6.47
N LEU D 133 -21.60 -18.10 6.13
CA LEU D 133 -21.29 -18.41 4.73
C LEU D 133 -22.33 -19.35 4.11
N GLU D 134 -22.55 -20.51 4.73
CA GLU D 134 -23.44 -21.52 4.15
C GLU D 134 -24.88 -21.02 4.08
N LYS D 135 -25.28 -20.18 5.03
CA LYS D 135 -26.64 -19.64 5.05
C LYS D 135 -26.83 -18.40 4.17
N GLU D 136 -25.87 -17.48 4.19
CA GLU D 136 -26.03 -16.16 3.55
C GLU D 136 -24.97 -15.77 2.53
N LYS D 137 -23.97 -16.61 2.34
CA LYS D 137 -22.82 -16.29 1.47
C LYS D 137 -22.25 -14.91 1.84
N ILE D 138 -22.08 -14.68 3.14
CA ILE D 138 -21.55 -13.41 3.68
C ILE D 138 -20.34 -13.73 4.53
N THR D 139 -19.19 -13.15 4.19
CA THR D 139 -17.99 -13.33 5.02
C THR D 139 -18.07 -12.29 6.13
N VAL D 140 -17.51 -12.66 7.28
CA VAL D 140 -17.51 -11.82 8.47
C VAL D 140 -16.16 -12.01 9.13
N THR D 141 -15.83 -11.16 10.09
CA THR D 141 -14.60 -11.30 10.84
C THR D 141 -14.91 -11.52 12.31
N VAL D 142 -14.19 -12.43 12.93
CA VAL D 142 -14.42 -12.78 14.32
C VAL D 142 -13.24 -12.38 15.19
N GLY D 143 -13.55 -11.67 16.27
CA GLY D 143 -12.62 -11.31 17.30
C GLY D 143 -13.02 -11.98 18.60
N ILE D 144 -12.04 -12.58 19.26
CA ILE D 144 -12.27 -13.32 20.49
C ILE D 144 -11.26 -12.88 21.52
N SER D 145 -11.75 -12.57 22.72
CA SER D 145 -10.88 -12.15 23.83
C SER D 145 -11.65 -12.13 25.14
N LYS D 146 -11.06 -11.49 26.15
CA LYS D 146 -11.58 -11.52 27.51
C LYS D 146 -12.60 -10.44 27.80
N ASN D 147 -12.72 -9.45 26.91
CA ASN D 147 -13.80 -8.47 27.01
C ASN D 147 -14.24 -7.90 25.65
N LYS D 148 -15.33 -7.16 25.67
CA LYS D 148 -15.87 -6.57 24.46
C LYS D 148 -14.84 -5.77 23.68
N VAL D 149 -14.15 -4.90 24.40
CA VAL D 149 -13.19 -4.00 23.80
C VAL D 149 -12.07 -4.72 23.08
N PHE D 150 -11.46 -5.68 23.73
CA PHE D 150 -10.34 -6.39 23.14
C PHE D 150 -10.80 -7.37 22.09
N ALA D 151 -12.02 -7.90 22.26
CA ALA D 151 -12.64 -8.66 21.17
C ALA D 151 -12.79 -7.78 19.90
N LYS D 152 -13.30 -6.56 20.05
CA LYS D 152 -13.40 -5.65 18.89
C LYS D 152 -12.02 -5.35 18.28
N ILE D 153 -11.03 -5.09 19.13
CA ILE D 153 -9.67 -4.81 18.65
C ILE D 153 -9.13 -6.02 17.88
N ALA D 154 -9.43 -7.20 18.40
CA ALA D 154 -9.07 -8.45 17.73
C ALA D 154 -9.58 -8.47 16.28
N ALA D 155 -10.86 -8.14 16.10
CA ALA D 155 -11.46 -8.18 14.77
C ALA D 155 -10.97 -7.02 13.91
N ASP D 156 -10.69 -5.89 14.54
CA ASP D 156 -10.05 -4.78 13.86
C ASP D 156 -8.72 -5.22 13.22
N MET D 157 -7.98 -6.07 13.90
CA MET D 157 -6.70 -6.55 13.39
C MET D 157 -6.81 -7.57 12.25
N ALA D 158 -7.85 -8.42 12.31
CA ALA D 158 -7.96 -9.58 11.43
C ALA D 158 -8.79 -9.36 10.18
N LYS D 159 -9.46 -8.22 10.08
CA LYS D 159 -10.43 -8.02 9.01
C LYS D 159 -9.67 -7.67 7.75
N PRO D 160 -10.17 -8.08 6.57
CA PRO D 160 -11.40 -8.81 6.32
C PRO D 160 -11.29 -10.33 6.36
N ASN D 161 -12.44 -10.98 6.45
CA ASN D 161 -12.57 -12.44 6.41
C ASN D 161 -11.49 -13.13 7.26
N GLY D 162 -11.38 -12.70 8.51
CA GLY D 162 -10.36 -13.20 9.43
C GLY D 162 -10.94 -13.71 10.73
N ILE D 163 -10.12 -14.43 11.48
CA ILE D 163 -10.43 -14.84 12.86
C ILE D 163 -9.22 -14.46 13.67
N LYS D 164 -9.43 -13.99 14.89
CA LYS D 164 -8.30 -13.72 15.74
C LYS D 164 -8.70 -13.75 17.21
N VAL D 165 -7.81 -14.35 17.99
CA VAL D 165 -7.95 -14.45 19.43
C VAL D 165 -6.85 -13.56 20.02
N ILE D 166 -7.19 -12.89 21.13
CA ILE D 166 -6.24 -12.10 21.89
C ILE D 166 -6.26 -12.68 23.31
N ASP D 167 -5.31 -13.58 23.59
CA ASP D 167 -5.22 -14.23 24.90
C ASP D 167 -4.89 -13.21 26.00
N ASP D 168 -4.97 -13.65 27.26
CA ASP D 168 -4.73 -12.78 28.43
C ASP D 168 -3.33 -12.14 28.45
N GLU D 169 -2.31 -12.85 27.96
CA GLU D 169 -0.95 -12.31 27.88
C GLU D 169 -0.81 -11.35 26.69
N GLU D 170 -1.54 -11.63 25.62
CA GLU D 170 -1.66 -10.75 24.46
C GLU D 170 -2.32 -9.40 24.82
N VAL D 171 -3.34 -9.45 25.67
CA VAL D 171 -3.98 -8.25 26.23
C VAL D 171 -2.96 -7.34 26.90
N LYS D 172 -2.17 -7.92 27.81
CA LYS D 172 -1.20 -7.18 28.61
C LYS D 172 -0.10 -6.57 27.76
N ARG D 173 0.26 -7.27 26.68
CA ARG D 173 1.21 -6.73 25.72
C ARG D 173 0.58 -5.54 24.98
N LEU D 174 -0.68 -5.70 24.56
CA LEU D 174 -1.40 -4.62 23.86
C LEU D 174 -1.64 -3.40 24.76
N ILE D 175 -1.87 -3.64 26.05
CA ILE D 175 -2.11 -2.56 26.99
C ILE D 175 -0.98 -1.53 26.99
N ARG D 176 0.25 -1.94 26.68
CA ARG D 176 1.38 -1.01 26.57
C ARG D 176 2.00 -0.80 25.16
N GLU D 177 1.54 -1.55 24.15
CA GLU D 177 2.05 -1.40 22.77
C GLU D 177 1.00 -0.96 21.71
N LEU D 178 -0.27 -0.89 22.09
CA LEU D 178 -1.31 -0.49 21.16
C LEU D 178 -1.47 1.02 21.17
N ASP D 179 -1.41 1.63 19.99
CA ASP D 179 -1.68 3.05 19.85
C ASP D 179 -3.10 3.32 20.39
N ILE D 180 -3.21 4.26 21.31
CA ILE D 180 -4.43 4.47 22.06
C ILE D 180 -5.57 5.00 21.16
N ALA D 181 -5.23 5.44 19.96
CA ALA D 181 -6.23 5.86 18.97
C ALA D 181 -7.08 4.71 18.46
N ASP D 182 -6.54 3.49 18.54
CA ASP D 182 -7.19 2.29 18.01
C ASP D 182 -8.08 1.59 19.05
N VAL D 183 -8.16 2.17 20.24
CA VAL D 183 -9.11 1.73 21.26
C VAL D 183 -10.50 2.23 20.92
N PRO D 184 -11.45 1.32 20.71
CA PRO D 184 -12.85 1.67 20.48
C PRO D 184 -13.37 2.79 21.38
N GLY D 185 -14.05 3.76 20.74
CA GLY D 185 -14.59 4.94 21.42
C GLY D 185 -13.64 6.11 21.46
N ILE D 186 -12.42 5.91 20.97
CA ILE D 186 -11.46 7.00 20.96
C ILE D 186 -11.30 7.43 19.51
N GLY D 187 -11.95 8.53 19.16
CA GLY D 187 -11.89 9.09 17.81
C GLY D 187 -10.82 10.16 17.66
N ASN D 188 -10.84 10.84 16.52
CA ASN D 188 -9.79 11.82 16.15
C ASN D 188 -9.62 12.92 17.18
N ILE D 189 -10.76 13.37 17.70
CA ILE D 189 -10.78 14.48 18.65
C ILE D 189 -10.13 14.03 19.97
N THR D 190 -10.65 12.96 20.54
CA THR D 190 -10.13 12.43 21.81
C THR D 190 -8.69 11.96 21.62
N ALA D 191 -8.42 11.37 20.46
CA ALA D 191 -7.07 10.89 20.11
C ALA D 191 -6.07 12.02 20.25
N GLU D 192 -6.37 13.13 19.59
CA GLU D 192 -5.50 14.32 19.60
C GLU D 192 -5.36 14.99 20.98
N LYS D 193 -6.36 14.86 21.83
CA LYS D 193 -6.30 15.46 23.18
C LYS D 193 -5.54 14.59 24.18
N LEU D 194 -5.22 13.36 23.79
CA LEU D 194 -4.42 12.47 24.63
C LEU D 194 -2.92 12.60 24.30
N LYS D 195 -2.61 12.87 23.03
CA LYS D 195 -1.24 13.26 22.62
C LYS D 195 -0.83 14.56 23.31
N LYS D 196 -1.70 15.56 23.25
CA LYS D 196 -1.51 16.84 23.96
C LYS D 196 -1.20 16.68 25.46
N LEU D 197 -1.37 15.47 25.98
CA LEU D 197 -1.01 15.09 27.35
C LEU D 197 0.10 14.03 27.40
N GLY D 198 0.47 13.50 26.23
CA GLY D 198 1.58 12.55 26.10
C GLY D 198 1.21 11.07 26.12
N ILE D 199 -0.09 10.80 26.00
CA ILE D 199 -0.61 9.46 26.13
C ILE D 199 -0.75 8.87 24.73
N ASN D 200 0.16 7.97 24.36
CA ASN D 200 0.06 7.24 23.09
C ASN D 200 -0.30 5.77 23.30
N LYS D 201 -0.34 5.34 24.57
CA LYS D 201 -0.56 3.93 24.93
C LYS D 201 -1.43 3.89 26.17
N LEU D 202 -2.25 2.85 26.31
CA LEU D 202 -3.16 2.73 27.47
C LEU D 202 -2.39 2.83 28.78
N VAL D 203 -1.27 2.12 28.86
CA VAL D 203 -0.47 2.07 30.10
C VAL D 203 -0.16 3.45 30.66
N ASP D 204 0.03 4.42 29.78
CA ASP D 204 0.32 5.82 30.18
C ASP D 204 -0.73 6.46 31.11
N THR D 205 -2.00 6.08 30.95
CA THR D 205 -3.12 6.70 31.71
C THR D 205 -3.07 6.45 33.21
N LEU D 206 -2.28 5.47 33.62
CA LEU D 206 -2.13 5.15 35.04
C LEU D 206 -1.16 6.11 35.74
N SER D 207 -0.18 6.62 35.00
CA SER D 207 0.85 7.50 35.57
C SER D 207 0.33 8.92 35.79
N ILE D 208 -0.25 9.50 34.73
CA ILE D 208 -0.88 10.83 34.78
C ILE D 208 -1.91 10.90 35.89
N GLU D 209 -2.07 12.07 36.48
CA GLU D 209 -3.09 12.26 37.51
C GLU D 209 -4.47 12.14 36.87
N PHE D 210 -5.40 11.56 37.61
CA PHE D 210 -6.75 11.29 37.09
C PHE D 210 -7.43 12.60 36.72
N ASP D 211 -7.35 13.55 37.63
CA ASP D 211 -7.98 14.87 37.46
C ASP D 211 -7.44 15.61 36.22
N LYS D 212 -6.19 15.35 35.87
CA LYS D 212 -5.59 15.92 34.65
C LYS D 212 -6.18 15.26 33.41
N LEU D 213 -6.29 13.94 33.44
CA LEU D 213 -6.91 13.17 32.35
C LEU D 213 -8.37 13.51 32.21
N LYS D 214 -9.07 13.49 33.35
CA LYS D 214 -10.46 13.93 33.42
C LYS D 214 -10.64 15.27 32.69
N GLY D 215 -9.73 16.21 32.94
CA GLY D 215 -9.82 17.56 32.37
C GLY D 215 -9.97 17.62 30.86
N MET D 216 -9.08 16.93 30.14
CA MET D 216 -9.10 16.95 28.67
C MET D 216 -10.21 16.14 28.04
N ILE D 217 -10.39 14.89 28.48
CA ILE D 217 -11.29 13.93 27.79
C ILE D 217 -12.64 13.65 28.48
N GLY D 218 -12.77 14.12 29.71
CA GLY D 218 -14.00 13.89 30.50
C GLY D 218 -13.93 12.65 31.38
N GLU D 219 -14.66 12.72 32.51
CA GLU D 219 -14.69 11.67 33.55
C GLU D 219 -14.98 10.24 33.04
N ALA D 220 -15.99 10.09 32.19
CA ALA D 220 -16.37 8.76 31.72
C ALA D 220 -15.24 8.14 30.91
N LYS D 221 -14.81 8.82 29.86
CA LYS D 221 -13.74 8.31 29.00
C LYS D 221 -12.45 8.07 29.77
N ALA D 222 -12.20 8.88 30.79
CA ALA D 222 -11.05 8.68 31.67
C ALA D 222 -11.13 7.36 32.42
N LYS D 223 -12.25 7.16 33.11
CA LYS D 223 -12.49 5.94 33.88
C LYS D 223 -12.48 4.69 32.99
N TYR D 224 -13.03 4.85 31.79
CA TYR D 224 -12.99 3.81 30.75
C TYR D 224 -11.54 3.40 30.43
N LEU D 225 -10.69 4.37 30.08
CA LEU D 225 -9.31 4.06 29.67
C LEU D 225 -8.48 3.53 30.83
N ILE D 226 -8.65 4.11 32.01
CA ILE D 226 -7.98 3.61 33.20
C ILE D 226 -8.33 2.14 33.49
N SER D 227 -9.61 1.79 33.41
CA SER D 227 -10.02 0.40 33.69
C SER D 227 -9.47 -0.58 32.66
N LEU D 228 -9.33 -0.14 31.41
CA LEU D 228 -8.73 -0.97 30.36
C LEU D 228 -7.24 -1.17 30.59
N ALA D 229 -6.59 -0.12 31.04
CA ALA D 229 -5.16 -0.15 31.29
C ALA D 229 -4.83 -1.06 32.46
N ARG D 230 -5.67 -1.02 33.49
CA ARG D 230 -5.51 -1.91 34.65
C ARG D 230 -5.90 -3.39 34.39
N ASP D 231 -6.54 -3.65 33.24
CA ASP D 231 -7.10 -4.98 32.92
C ASP D 231 -8.29 -5.30 33.82
N GLU D 232 -9.07 -4.28 34.14
CA GLU D 232 -10.25 -4.39 34.98
C GLU D 232 -11.54 -3.98 34.27
N TYR D 233 -11.51 -3.79 32.96
CA TYR D 233 -12.73 -3.51 32.22
C TYR D 233 -13.49 -4.81 32.08
N ASN D 234 -14.78 -4.77 32.40
CA ASN D 234 -15.59 -5.99 32.38
C ASN D 234 -17.09 -5.79 32.12
N GLU D 235 -17.47 -4.79 31.32
CA GLU D 235 -18.88 -4.53 31.03
C GLU D 235 -19.52 -5.76 30.39
N PRO D 236 -20.75 -6.08 30.82
CA PRO D 236 -21.43 -7.26 30.33
C PRO D 236 -22.02 -7.08 28.94
N ILE D 237 -22.11 -8.20 28.24
CA ILE D 237 -22.84 -8.28 27.00
C ILE D 237 -24.31 -8.12 27.38
N ARG D 238 -24.98 -7.14 26.78
CA ARG D 238 -26.35 -6.82 27.13
C ARG D 238 -27.16 -6.46 25.89
N THR D 239 -28.44 -6.82 25.91
CA THR D 239 -29.26 -6.60 24.73
C THR D 239 -29.47 -5.09 24.60
N ARG D 240 -29.29 -4.58 23.39
CA ARG D 240 -29.51 -3.15 23.14
C ARG D 240 -30.93 -2.88 22.67
N VAL D 241 -31.50 -1.78 23.17
CA VAL D 241 -32.81 -1.29 22.73
C VAL D 241 -32.58 0.03 22.05
N ARG D 242 -33.06 0.13 20.81
CA ARG D 242 -33.26 1.42 20.17
C ARG D 242 -33.76 2.45 21.18
N LYS D 243 -32.90 3.42 21.53
CA LYS D 243 -33.28 4.47 22.47
C LYS D 243 -33.85 5.71 21.79
N SER D 244 -33.62 5.84 20.48
CA SER D 244 -34.19 6.94 19.71
C SER D 244 -34.28 6.58 18.24
N ILE D 245 -35.25 7.19 17.56
CA ILE D 245 -35.46 7.01 16.15
C ILE D 245 -35.76 8.37 15.55
N GLY D 246 -35.20 8.65 14.39
CA GLY D 246 -35.46 9.91 13.73
C GLY D 246 -35.00 9.94 12.29
N ARG D 247 -35.08 11.11 11.69
CA ARG D 247 -34.80 11.30 10.27
C ARG D 247 -34.38 12.75 10.02
N ILE D 248 -33.37 12.97 9.17
CA ILE D 248 -32.95 14.31 8.75
C ILE D 248 -32.86 14.35 7.22
N VAL D 249 -33.26 15.46 6.62
CA VAL D 249 -33.21 15.59 5.16
C VAL D 249 -32.57 16.88 4.67
N THR D 250 -31.88 16.78 3.55
CA THR D 250 -31.29 17.92 2.88
C THR D 250 -32.33 18.57 1.99
N MET D 251 -32.44 19.89 2.09
CA MET D 251 -33.39 20.66 1.29
C MET D 251 -32.72 21.11 -0.01
N LYS D 252 -33.53 21.48 -0.99
CA LYS D 252 -33.02 21.94 -2.30
C LYS D 252 -32.27 23.28 -2.17
N ARG D 253 -32.72 24.11 -1.23
CA ARG D 253 -32.17 25.45 -1.04
C ARG D 253 -32.00 25.76 0.43
N ASN D 254 -30.83 26.27 0.82
CA ASN D 254 -30.59 26.74 2.19
C ASN D 254 -31.51 27.91 2.49
N SER D 255 -32.33 27.80 3.53
CA SER D 255 -33.39 28.79 3.76
C SER D 255 -33.58 29.15 5.23
N ARG D 256 -34.37 30.20 5.44
CA ARG D 256 -34.81 30.63 6.77
C ARG D 256 -36.32 30.86 6.90
N ASN D 257 -37.06 30.67 5.81
CA ASN D 257 -38.48 30.96 5.84
C ASN D 257 -39.25 29.74 6.34
N LEU D 258 -40.02 29.95 7.41
CA LEU D 258 -40.75 28.89 8.09
C LEU D 258 -41.64 28.05 7.16
N GLU D 259 -42.23 28.69 6.15
CA GLU D 259 -43.22 28.02 5.29
C GLU D 259 -42.64 27.13 4.19
N GLU D 260 -41.34 27.21 3.94
CA GLU D 260 -40.70 26.30 2.99
C GLU D 260 -39.86 25.20 3.67
N ILE D 261 -39.47 25.41 4.93
CA ILE D 261 -38.83 24.36 5.73
C ILE D 261 -39.88 23.34 6.19
N LYS D 262 -41.11 23.82 6.40
CA LYS D 262 -42.22 23.00 6.90
C LYS D 262 -42.40 21.64 6.22
N PRO D 263 -42.60 21.62 4.88
CA PRO D 263 -42.80 20.36 4.16
C PRO D 263 -41.71 19.33 4.36
N TYR D 264 -40.46 19.78 4.42
CA TYR D 264 -39.33 18.90 4.75
C TYR D 264 -39.41 18.42 6.19
N LEU D 265 -39.76 19.32 7.12
CA LEU D 265 -39.88 18.94 8.53
C LEU D 265 -40.96 17.89 8.72
N PHE D 266 -42.12 18.15 8.12
CA PHE D 266 -43.24 17.24 8.20
C PHE D 266 -42.93 15.89 7.55
N ARG D 267 -42.23 15.89 6.42
CA ARG D 267 -41.85 14.64 5.76
C ARG D 267 -41.01 13.76 6.70
N ALA D 268 -40.06 14.38 7.39
CA ALA D 268 -39.25 13.71 8.39
C ALA D 268 -40.06 13.11 9.56
N ILE D 269 -41.17 13.76 9.93
CA ILE D 269 -42.03 13.27 11.00
C ILE D 269 -42.80 12.02 10.54
N GLU D 270 -43.38 12.12 9.35
CA GLU D 270 -44.08 10.98 8.73
C GLU D 270 -43.13 9.79 8.59
N GLU D 271 -41.94 10.05 8.06
CA GLU D 271 -40.96 8.99 7.95
C GLU D 271 -40.60 8.42 9.33
N SER D 272 -40.38 9.29 10.31
CA SER D 272 -39.97 8.83 11.63
C SER D 272 -41.04 8.02 12.37
N TYR D 273 -42.30 8.38 12.17
CA TYR D 273 -43.42 7.67 12.80
C TYR D 273 -43.64 6.26 12.28
N TYR D 274 -43.44 6.11 10.97
CA TYR D 274 -43.42 4.78 10.35
C TYR D 274 -42.37 3.94 11.07
N LYS D 275 -41.11 4.37 11.00
CA LYS D 275 -39.99 3.63 11.59
C LYS D 275 -40.16 3.44 13.09
N LEU D 276 -40.93 4.35 13.70
CA LEU D 276 -41.31 4.24 15.11
C LEU D 276 -42.08 2.94 15.38
N ASP D 277 -42.96 2.57 14.45
CA ASP D 277 -43.63 1.27 14.50
C ASP D 277 -44.56 1.18 15.71
N LYS D 278 -44.21 0.36 16.69
CA LYS D 278 -45.07 0.11 17.83
C LYS D 278 -44.87 1.19 18.89
N ARG D 279 -43.64 1.71 19.01
CA ARG D 279 -43.27 2.51 20.17
C ARG D 279 -43.80 3.94 20.12
N ILE D 280 -44.13 4.44 21.30
CA ILE D 280 -44.66 5.78 21.51
C ILE D 280 -43.61 6.59 22.24
N PRO D 281 -43.23 7.76 21.68
CA PRO D 281 -42.22 8.55 22.33
C PRO D 281 -42.80 9.65 23.20
N LYS D 282 -42.03 10.05 24.21
CA LYS D 282 -42.35 11.18 25.07
C LYS D 282 -41.48 12.40 24.75
N ALA D 283 -40.41 12.22 23.99
CA ALA D 283 -39.54 13.34 23.67
C ALA D 283 -39.39 13.53 22.18
N ILE D 284 -39.15 14.78 21.79
CA ILE D 284 -39.02 15.16 20.41
C ILE D 284 -37.99 16.26 20.34
N HIS D 285 -37.19 16.24 19.28
CA HIS D 285 -36.12 17.15 19.09
C HIS D 285 -36.18 17.52 17.62
N VAL D 286 -36.07 18.80 17.29
CA VAL D 286 -35.92 19.20 15.90
C VAL D 286 -34.45 19.51 15.70
N VAL D 287 -33.85 18.94 14.66
CA VAL D 287 -32.43 19.06 14.43
C VAL D 287 -32.22 19.75 13.10
N ALA D 288 -31.41 20.80 13.10
CA ALA D 288 -31.06 21.51 11.88
C ALA D 288 -29.56 21.44 11.60
N VAL D 289 -29.21 21.23 10.34
CA VAL D 289 -27.83 21.42 9.89
C VAL D 289 -27.80 22.75 9.16
N THR D 290 -26.81 23.57 9.49
CA THR D 290 -26.78 24.96 9.04
C THR D 290 -26.08 25.14 7.69
N GLU D 291 -26.26 26.30 7.08
CA GLU D 291 -25.73 26.60 5.74
C GLU D 291 -24.25 26.29 5.61
N ASP D 292 -23.51 26.52 6.70
CA ASP D 292 -22.13 26.04 6.83
C ASP D 292 -22.22 24.53 7.02
N LEU D 293 -22.03 24.03 8.24
CA LEU D 293 -22.31 22.62 8.52
C LEU D 293 -22.51 22.29 10.00
N ASP D 294 -22.96 23.26 10.79
CA ASP D 294 -23.09 23.09 12.24
C ASP D 294 -24.49 22.58 12.62
N ILE D 295 -24.55 21.81 13.71
CA ILE D 295 -25.80 21.28 14.23
C ILE D 295 -26.38 22.28 15.22
N VAL D 296 -27.67 22.56 15.08
CA VAL D 296 -28.43 23.21 16.13
C VAL D 296 -29.66 22.36 16.36
N SER D 297 -29.94 22.07 17.62
CA SER D 297 -31.04 21.21 17.99
C SER D 297 -31.83 21.86 19.11
N ARG D 298 -33.13 21.61 19.15
CA ARG D 298 -33.98 22.12 20.22
C ARG D 298 -35.11 21.12 20.47
N GLY D 299 -35.36 20.80 21.74
CA GLY D 299 -36.24 19.69 22.08
C GLY D 299 -37.16 19.93 23.25
N ARG D 300 -38.05 18.99 23.49
CA ARG D 300 -39.01 19.08 24.58
C ARG D 300 -39.47 17.69 24.98
N THR D 301 -39.58 17.44 26.27
CA THR D 301 -40.15 16.20 26.79
C THR D 301 -41.58 16.46 27.29
N PHE D 302 -42.41 15.43 27.22
CA PHE D 302 -43.82 15.47 27.65
C PHE D 302 -44.03 14.34 28.67
N PRO D 303 -44.98 14.54 29.63
CA PRO D 303 -45.33 13.50 30.60
C PRO D 303 -46.19 12.37 30.04
N HIS D 304 -46.46 12.42 28.74
CA HIS D 304 -47.25 11.43 28.06
C HIS D 304 -46.67 11.16 26.67
N GLY D 305 -47.12 10.08 26.06
CA GLY D 305 -46.79 9.78 24.67
C GLY D 305 -47.19 10.89 23.70
N ILE D 306 -46.33 11.15 22.72
CA ILE D 306 -46.56 12.19 21.71
C ILE D 306 -47.37 11.60 20.55
N SER D 307 -48.54 12.16 20.27
CA SER D 307 -49.32 11.71 19.13
C SER D 307 -48.72 12.32 17.88
N LYS D 308 -49.09 11.81 16.72
CA LYS D 308 -48.57 12.37 15.47
C LYS D 308 -48.97 13.84 15.31
N GLU D 309 -50.19 14.16 15.74
CA GLU D 309 -50.69 15.54 15.70
C GLU D 309 -49.87 16.42 16.63
N THR D 310 -49.55 15.92 17.81
CA THR D 310 -48.74 16.67 18.76
C THR D 310 -47.36 16.93 18.16
N ALA D 311 -46.73 15.89 17.60
CA ALA D 311 -45.42 16.04 16.97
C ALA D 311 -45.42 17.21 15.98
N TYR D 312 -46.45 17.26 15.14
CA TYR D 312 -46.56 18.31 14.13
C TYR D 312 -46.47 19.75 14.66
N SER D 313 -47.31 20.09 15.62
CA SER D 313 -47.34 21.47 16.12
C SER D 313 -46.13 21.76 17.00
N GLU D 314 -45.78 20.81 17.84
CA GLU D 314 -44.62 20.98 18.67
C GLU D 314 -43.36 21.20 17.83
N SER D 315 -43.24 20.51 16.71
CA SER D 315 -42.03 20.63 15.88
C SER D 315 -41.91 22.00 15.24
N VAL D 316 -43.04 22.62 14.90
CA VAL D 316 -43.04 23.99 14.39
C VAL D 316 -42.48 24.94 15.44
N LYS D 317 -42.94 24.78 16.68
CA LYS D 317 -42.45 25.62 17.78
C LYS D 317 -40.95 25.45 17.95
N LEU D 318 -40.49 24.21 17.94
CA LEU D 318 -39.05 23.93 18.10
C LEU D 318 -38.26 24.48 16.91
N LEU D 319 -38.74 24.26 15.69
CA LEU D 319 -38.04 24.82 14.54
C LEU D 319 -38.00 26.36 14.64
N GLN D 320 -39.11 26.97 15.04
CA GLN D 320 -39.15 28.42 15.26
C GLN D 320 -38.09 28.88 16.28
N LYS D 321 -38.03 28.23 17.44
CA LYS D 321 -37.05 28.58 18.46
C LYS D 321 -35.62 28.54 17.92
N ILE D 322 -35.30 27.51 17.14
CA ILE D 322 -34.00 27.44 16.48
C ILE D 322 -33.81 28.69 15.66
N LEU D 323 -34.78 28.93 14.77
CA LEU D 323 -34.76 30.04 13.83
C LEU D 323 -34.44 31.37 14.52
N GLU D 324 -35.06 31.62 15.68
CA GLU D 324 -34.84 32.88 16.40
C GLU D 324 -33.50 32.90 17.16
N GLU D 325 -33.12 31.78 17.75
CA GLU D 325 -31.91 31.71 18.59
C GLU D 325 -30.61 31.58 17.79
N ASP D 326 -30.72 31.47 16.46
CA ASP D 326 -29.56 31.22 15.62
C ASP D 326 -29.76 31.83 14.24
N GLU D 327 -28.90 32.80 13.90
CA GLU D 327 -29.14 33.66 12.72
C GLU D 327 -28.80 33.02 11.38
N ARG D 328 -27.88 32.05 11.35
CA ARG D 328 -27.44 31.46 10.07
C ARG D 328 -28.53 30.58 9.41
N LYS D 329 -28.49 30.52 8.08
CA LYS D 329 -29.49 29.80 7.29
C LYS D 329 -29.42 28.29 7.47
N ILE D 330 -30.56 27.62 7.23
CA ILE D 330 -30.70 26.18 7.45
C ILE D 330 -30.53 25.41 6.15
N ARG D 331 -29.88 24.24 6.25
CA ARG D 331 -29.45 23.44 5.11
C ARG D 331 -30.13 22.07 5.09
N ARG D 332 -30.01 21.34 6.20
CA ARG D 332 -30.78 20.10 6.41
C ARG D 332 -31.74 20.32 7.59
N ILE D 333 -32.89 19.66 7.57
CA ILE D 333 -33.80 19.71 8.72
C ILE D 333 -34.35 18.33 9.08
N GLY D 334 -34.39 18.04 10.38
CA GLY D 334 -34.91 16.76 10.87
C GLY D 334 -35.59 16.79 12.24
N VAL D 335 -36.02 15.60 12.65
CA VAL D 335 -36.60 15.33 13.97
C VAL D 335 -36.02 14.02 14.50
N ARG D 336 -35.99 13.90 15.81
CA ARG D 336 -35.62 12.71 16.49
C ARG D 336 -36.63 12.52 17.62
N PHE D 337 -37.08 11.28 17.81
CA PHE D 337 -38.03 10.93 18.86
C PHE D 337 -37.33 9.95 19.77
N SER D 338 -37.62 10.07 21.06
CA SER D 338 -36.91 9.29 22.05
C SER D 338 -37.79 9.13 23.26
N LYS D 339 -37.22 8.54 24.31
CA LYS D 339 -37.89 8.34 25.59
C LYS D 339 -39.20 7.63 25.37
N PHE D 340 -39.09 6.42 24.86
CA PHE D 340 -40.25 5.62 24.54
C PHE D 340 -40.94 5.06 25.78
N ILE D 341 -42.19 4.62 25.58
CA ILE D 341 -43.00 3.94 26.60
C ILE D 341 -42.86 2.42 26.45
N GLU D 342 -43.21 1.68 27.51
CA GLU D 342 -43.30 0.21 27.45
C GLU D 342 -44.63 -0.28 28.01
N1 DOC E 13 -19.51 6.47 13.22
C2 DOC E 13 -20.46 6.78 12.21
N3 DOC E 13 -20.38 7.96 11.55
C4 DOC E 13 -19.40 8.85 11.85
C5 DOC E 13 -18.46 8.56 12.82
C6 DOC E 13 -18.54 7.35 13.51
O2 DOC E 13 -21.38 5.99 11.90
N4 DOC E 13 -19.33 10.01 11.18
C1' DOC E 13 -19.57 5.21 13.98
C2' DOC E 13 -19.00 4.04 13.19
C3' DOC E 13 -18.15 3.26 14.16
C4' DOC E 13 -18.05 4.08 15.44
O4' DOC E 13 -18.83 5.28 15.21
C5' DOC E 13 -16.58 4.35 15.72
O5' DOC E 13 -16.31 4.66 17.09
P DOC E 13 -15.03 5.54 17.52
OP1 DOC E 13 -14.15 4.70 18.41
OP2 DOC E 13 -14.41 6.22 16.33
CA CA G . 26.36 -9.75 -19.35
CA CA H . 25.86 -8.33 -16.92
C ACT I . 5.27 -6.98 -3.70
O ACT I . 5.92 -6.28 -2.87
OXT ACT I . 5.53 -6.96 -4.93
CH3 ACT I . 4.15 -7.85 -3.20
C ACT J . 34.55 -0.43 -11.13
O ACT J . 33.87 -1.06 -10.26
OXT ACT J . 35.07 0.67 -10.86
CH3 ACT J . 34.76 -1.02 -12.50
OAE LTP K . 27.96 -8.29 -19.22
PAF LTP K . 28.39 -6.98 -19.84
OAG LTP K . 29.88 -6.85 -20.07
OBB LTP K . 27.71 -5.77 -19.24
OAH LTP K . 27.84 -7.04 -21.33
PAI LTP K . 26.27 -7.13 -21.52
OAJ LTP K . 25.85 -8.56 -21.23
OAK LTP K . 26.03 -6.53 -22.88
OAL LTP K . 25.60 -6.12 -20.42
CAM LTP K . 24.39 -6.42 -19.68
CAN LTP K . 23.15 -5.72 -20.22
OAO LTP K . 23.53 -4.64 -21.06
CAP LTP K . 22.24 -5.12 -19.14
O12 LTP K . 21.04 -5.88 -18.95
CAQ LTP K . 21.85 -3.76 -19.61
CAR LTP K . 22.67 -3.52 -20.87
N1 LTP K . 23.39 -2.28 -20.58
C2 LTP K . 22.73 -1.12 -20.69
O2 LTP K . 21.52 -1.05 -21.07
C6 LTP K . 24.80 -2.36 -20.15
C5 LTP K . 25.37 -1.04 -19.84
C4 LTP K . 24.61 0.10 -20.00
NAX LTP K . 25.13 1.34 -19.74
N3 LTP K . 23.34 0.02 -20.40
CA CA L . -22.36 25.38 17.53
CA CA M . -17.96 -2.54 11.58
CA CA N . -18.04 -4.14 9.13
C ACT O . -9.55 5.53 15.80
O ACT O . -10.18 4.47 15.89
OXT ACT O . -9.56 6.40 16.70
CH3 ACT O . -8.73 5.73 14.56
OAE LTP P . -16.27 -2.88 9.14
PAF LTP P . -15.87 -1.52 8.60
OAG LTP P . -14.39 -1.39 8.29
OBB LTP P . -16.47 -0.37 9.38
OAH LTP P . -16.52 -1.42 7.13
PAI LTP P . -18.11 -1.59 6.93
OAJ LTP P . -18.55 -2.98 7.32
OAK LTP P . -18.47 -1.08 5.56
OAL LTP P . -18.68 -0.50 8.01
CAM LTP P . -19.85 -0.67 8.81
CAN LTP P . -20.99 0.23 8.33
OAO LTP P . -20.49 1.31 7.53
CAP LTP P . -21.81 0.87 9.44
O12 LTP P . -22.96 0.09 9.77
CAQ LTP P . -22.26 2.20 8.87
CAR LTP P . -21.38 2.41 7.64
N1 LTP P . -20.67 3.67 7.86
C2 LTP P . -21.28 4.82 7.52
O2 LTP P . -22.43 4.80 7.00
C6 LTP P . -19.34 3.64 8.48
C5 LTP P . -18.75 4.96 8.66
C4 LTP P . -19.44 6.10 8.26
NAX LTP P . -18.87 7.33 8.43
N3 LTP P . -20.65 5.99 7.71
#